data_8I9I
#
_entry.id   8I9I
#
_cell.length_a   211.510
_cell.length_b   61.290
_cell.length_c   101.900
_cell.angle_alpha   90.00
_cell.angle_beta   96.69
_cell.angle_gamma   90.00
#
_symmetry.space_group_name_H-M   'C 1 2 1'
#
loop_
_entity.id
_entity.type
_entity.pdbx_description
1 polymer 'Glutamate--tRNA ligase'
2 non-polymer 'GLUTAMIC ACID'
3 non-polymer 'ZINC ION'
4 water water
#
_entity_poly.entity_id   1
_entity_poly.type   'polypeptide(L)'
_entity_poly.pdbx_seq_one_letter_code
;MKIKTRFAPSPTGYLHVGGARTALYSWLFARNHGGEFVLRIEDTDLERSTPEAIEAIMDGMNWLSLEWDEGPYYQTKRFD
RYNAVIDQMLEEGTAYKCYCSKERLEALREEQMAKGEKPRYDGRCRHSHEHHADDEPCVVRFANPQEGSVVFDDQIRGPI
EFSNQELDDLIIRRTDGSPTYNFCVVVDDWDMEITHVIRGEDHINNTPRQINILKALKAPVPVYAHVSMINGDDGEKLSK
RHGAVSVMQYRDDGYLPEALLNYLVRLGWSHGDQEIFTREEMIKYFTLNAVSKSASAFNTDKLLWLNHHYINALPPEYVA
THLQWHIAQENIDTRNGPQLADLVKLLGERCKTLKEMAQSCRYFYEDFAEFDADAAKKHLRPVARQPLEVVRDKLAAITD
WTAENVHHAIQATADELEVGMGKVGMPLRVAVTGAGQSPALDVTVHAIGKTRSIERINKALDFIAERE
;
_entity_poly.pdbx_strand_id   A,B
#
loop_
_chem_comp.id
_chem_comp.type
_chem_comp.name
_chem_comp.formula
ZN non-polymer 'ZINC ION' 'Zn 2'
#
# COMPACT_ATOMS: atom_id res chain seq x y z
N MET A 1 30.05 -31.35 -1.83
CA MET A 1 29.73 -29.99 -2.25
C MET A 1 29.07 -29.97 -3.63
N LYS A 2 29.78 -29.43 -4.62
CA LYS A 2 29.37 -29.29 -6.02
C LYS A 2 27.86 -29.12 -6.20
N ILE A 3 27.25 -28.25 -5.40
CA ILE A 3 25.83 -27.94 -5.57
C ILE A 3 25.65 -27.15 -6.85
N LYS A 4 24.86 -27.67 -7.77
CA LYS A 4 24.62 -27.01 -9.06
C LYS A 4 23.16 -27.15 -9.43
N THR A 5 22.46 -26.01 -9.52
CA THR A 5 21.09 -25.97 -9.99
C THR A 5 21.06 -25.59 -11.47
N ARG A 6 19.86 -25.59 -12.05
CA ARG A 6 19.73 -25.31 -13.46
C ARG A 6 18.37 -24.66 -13.74
N PHE A 7 18.31 -23.96 -14.87
CA PHE A 7 17.07 -23.38 -15.38
C PHE A 7 17.08 -23.58 -16.89
N ALA A 8 16.22 -24.47 -17.38
CA ALA A 8 16.23 -24.91 -18.77
C ALA A 8 14.85 -24.66 -19.37
N PRO A 9 14.51 -23.42 -19.69
CA PRO A 9 13.17 -23.13 -20.23
C PRO A 9 13.07 -23.46 -21.71
N SER A 10 11.90 -23.94 -22.10
CA SER A 10 11.58 -24.08 -23.52
C SER A 10 11.08 -22.73 -24.06
N PRO A 11 11.69 -22.21 -25.12
CA PRO A 11 11.33 -20.85 -25.59
C PRO A 11 9.86 -20.74 -25.94
N THR A 12 9.15 -19.88 -25.21
CA THR A 12 7.74 -19.60 -25.44
C THR A 12 7.54 -18.31 -26.24
N GLY A 13 8.61 -17.58 -26.52
CA GLY A 13 8.54 -16.25 -27.10
C GLY A 13 8.82 -15.14 -26.13
N TYR A 14 8.70 -15.41 -24.83
CA TYR A 14 9.01 -14.45 -23.78
C TYR A 14 9.42 -15.23 -22.54
N LEU A 15 9.52 -14.54 -21.41
CA LEU A 15 9.84 -15.15 -20.13
C LEU A 15 8.58 -15.10 -19.27
N HIS A 16 7.92 -16.26 -19.13
CA HIS A 16 6.70 -16.34 -18.34
C HIS A 16 7.01 -16.05 -16.87
N VAL A 17 6.05 -15.39 -16.20
CA VAL A 17 6.21 -15.07 -14.79
C VAL A 17 6.44 -16.33 -13.97
N GLY A 18 5.71 -17.39 -14.28
CA GLY A 18 5.91 -18.65 -13.57
C GLY A 18 7.29 -19.24 -13.83
N GLY A 19 7.80 -19.07 -15.05
CA GLY A 19 9.14 -19.55 -15.34
C GLY A 19 10.23 -18.75 -14.66
N ALA A 20 9.99 -17.45 -14.44
CA ALA A 20 10.96 -16.63 -13.73
C ALA A 20 11.04 -17.02 -12.25
N ARG A 21 9.90 -17.34 -11.65
CA ARG A 21 9.91 -17.80 -10.26
C ARG A 21 10.66 -19.12 -10.14
N THR A 22 10.49 -20.02 -11.11
CA THR A 22 11.24 -21.26 -11.12
C THR A 22 12.73 -21.00 -11.23
N ALA A 23 13.13 -20.08 -12.10
CA ALA A 23 14.54 -19.71 -12.21
C ALA A 23 15.04 -19.07 -10.93
N LEU A 24 14.17 -18.34 -10.22
CA LEU A 24 14.58 -17.69 -8.98
C LEU A 24 14.82 -18.71 -7.88
N TYR A 25 13.98 -19.75 -7.81
CA TYR A 25 14.19 -20.81 -6.83
C TYR A 25 15.49 -21.56 -7.11
N SER A 26 15.79 -21.80 -8.38
CA SER A 26 17.05 -22.45 -8.73
C SER A 26 18.24 -21.51 -8.55
N TRP A 27 18.03 -20.21 -8.72
CA TRP A 27 19.12 -19.26 -8.53
C TRP A 27 19.37 -18.98 -7.06
N LEU A 28 18.31 -18.86 -6.25
CA LEU A 28 18.48 -18.62 -4.82
C LEU A 28 19.15 -19.81 -4.15
N PHE A 29 18.80 -21.03 -4.57
CA PHE A 29 19.39 -22.21 -3.94
C PHE A 29 20.86 -22.36 -4.30
N ALA A 30 21.23 -22.04 -5.54
CA ALA A 30 22.64 -22.10 -5.91
C ALA A 30 23.47 -21.08 -5.15
N ARG A 31 22.92 -19.88 -4.95
CA ARG A 31 23.59 -18.87 -4.16
C ARG A 31 23.51 -19.13 -2.66
N ASN A 32 22.50 -19.88 -2.22
CA ASN A 32 22.39 -20.22 -0.80
C ASN A 32 23.54 -21.12 -0.36
N HIS A 33 23.87 -22.12 -1.17
CA HIS A 33 24.90 -23.09 -0.84
C HIS A 33 26.24 -22.77 -1.50
N GLY A 34 26.40 -21.57 -2.04
CA GLY A 34 27.65 -21.21 -2.69
C GLY A 34 27.96 -22.02 -3.93
N GLY A 35 26.93 -22.51 -4.62
CA GLY A 35 27.10 -23.33 -5.78
C GLY A 35 27.06 -22.54 -7.08
N GLU A 36 26.79 -23.25 -8.17
CA GLU A 36 26.74 -22.65 -9.50
C GLU A 36 25.34 -22.79 -10.07
N PHE A 37 24.94 -21.79 -10.87
CA PHE A 37 23.64 -21.73 -11.50
C PHE A 37 23.83 -21.80 -13.01
N VAL A 38 23.35 -22.88 -13.63
CA VAL A 38 23.58 -23.15 -15.04
C VAL A 38 22.34 -22.75 -15.83
N LEU A 39 22.55 -22.15 -16.99
CA LEU A 39 21.47 -21.76 -17.90
C LEU A 39 21.47 -22.70 -19.10
N ARG A 40 20.28 -23.18 -19.47
CA ARG A 40 20.13 -24.11 -20.57
C ARG A 40 18.90 -23.71 -21.38
N ILE A 41 18.91 -24.05 -22.67
CA ILE A 41 17.84 -23.69 -23.58
C ILE A 41 17.31 -24.95 -24.26
N GLU A 42 16.00 -25.15 -24.20
CA GLU A 42 15.34 -26.29 -24.84
C GLU A 42 14.77 -25.87 -26.19
N ASP A 43 15.67 -25.50 -27.10
CA ASP A 43 15.30 -24.99 -28.41
C ASP A 43 15.16 -26.09 -29.45
N THR A 44 14.71 -27.28 -29.06
CA THR A 44 14.45 -28.32 -30.05
C THR A 44 13.18 -28.03 -30.83
N ASP A 45 12.22 -27.32 -30.24
CA ASP A 45 11.04 -26.85 -30.96
C ASP A 45 11.46 -25.70 -31.87
N LEU A 46 11.85 -26.03 -33.10
CA LEU A 46 12.48 -25.05 -33.98
C LEU A 46 11.53 -23.93 -34.40
N GLU A 47 10.22 -24.09 -34.19
CA GLU A 47 9.28 -23.05 -34.60
C GLU A 47 9.18 -21.93 -33.57
N ARG A 48 8.98 -22.28 -32.30
CA ARG A 48 8.83 -21.30 -31.25
C ARG A 48 10.14 -20.90 -30.59
N SER A 49 11.25 -21.51 -30.97
CA SER A 49 12.57 -21.16 -30.43
C SER A 49 13.30 -20.20 -31.37
N THR A 50 12.62 -19.14 -31.75
CA THR A 50 13.21 -18.14 -32.64
C THR A 50 14.33 -17.39 -31.92
N PRO A 51 15.25 -16.78 -32.68
CA PRO A 51 16.28 -15.95 -32.05
C PRO A 51 15.70 -14.84 -31.18
N GLU A 52 14.53 -14.31 -31.52
CA GLU A 52 13.89 -13.32 -30.66
C GLU A 52 13.30 -13.99 -29.41
N ALA A 53 12.90 -15.26 -29.51
CA ALA A 53 12.37 -15.96 -28.35
C ALA A 53 13.47 -16.31 -27.36
N ILE A 54 14.65 -16.68 -27.86
CA ILE A 54 15.76 -17.02 -26.98
C ILE A 54 16.31 -15.77 -26.32
N GLU A 55 16.34 -14.64 -27.04
CA GLU A 55 16.81 -13.39 -26.43
C GLU A 55 15.84 -12.89 -25.38
N ALA A 56 14.54 -13.09 -25.59
CA ALA A 56 13.55 -12.65 -24.62
C ALA A 56 13.72 -13.37 -23.29
N ILE A 57 14.28 -14.58 -23.31
CA ILE A 57 14.57 -15.30 -22.08
C ILE A 57 15.75 -14.66 -21.36
N MET A 58 16.87 -14.50 -22.06
CA MET A 58 18.06 -13.96 -21.42
C MET A 58 17.91 -12.49 -21.07
N ASP A 59 17.17 -11.73 -21.87
CA ASP A 59 16.90 -10.33 -21.51
C ASP A 59 16.07 -10.25 -20.23
N GLY A 60 15.10 -11.16 -20.08
CA GLY A 60 14.34 -11.20 -18.84
C GLY A 60 15.18 -11.61 -17.65
N MET A 61 16.13 -12.53 -17.88
CA MET A 61 17.03 -12.94 -16.79
C MET A 61 17.93 -11.79 -16.36
N ASN A 62 18.39 -10.99 -17.33
CA ASN A 62 19.34 -9.92 -17.01
C ASN A 62 18.66 -8.77 -16.27
N TRP A 63 17.41 -8.47 -16.62
CA TRP A 63 16.72 -7.38 -15.95
C TRP A 63 16.49 -7.69 -14.47
N LEU A 64 16.11 -8.92 -14.16
CA LEU A 64 16.01 -9.37 -12.78
C LEU A 64 17.38 -9.59 -12.13
N SER A 65 18.46 -9.44 -12.89
CA SER A 65 19.82 -9.65 -12.39
C SER A 65 20.02 -11.06 -11.86
N LEU A 66 19.50 -12.04 -12.59
CA LEU A 66 19.71 -13.45 -12.28
C LEU A 66 20.85 -14.01 -13.12
N GLU A 67 22.05 -13.51 -12.83
CA GLU A 67 23.23 -13.92 -13.58
C GLU A 67 23.54 -15.39 -13.34
N TRP A 68 24.09 -16.03 -14.36
CA TRP A 68 24.43 -17.44 -14.31
C TRP A 68 25.94 -17.62 -14.41
N ASP A 69 26.43 -18.68 -13.75
CA ASP A 69 27.87 -18.97 -13.73
C ASP A 69 28.31 -19.85 -14.88
N GLU A 70 27.39 -20.60 -15.49
CA GLU A 70 27.72 -21.50 -16.59
C GLU A 70 26.58 -21.51 -17.59
N GLY A 71 26.92 -21.48 -18.87
CA GLY A 71 25.94 -21.48 -19.92
C GLY A 71 25.96 -20.20 -20.74
N PRO A 72 24.95 -20.00 -21.60
CA PRO A 72 23.85 -20.95 -21.83
C PRO A 72 24.20 -22.05 -22.83
N TYR A 73 23.67 -23.25 -22.59
CA TYR A 73 23.86 -24.37 -23.49
C TYR A 73 22.57 -24.64 -24.27
N TYR A 74 22.73 -25.05 -25.52
CA TYR A 74 21.61 -25.21 -26.45
C TYR A 74 21.44 -26.67 -26.81
N GLN A 75 20.20 -27.14 -26.81
CA GLN A 75 19.91 -28.51 -27.19
C GLN A 75 19.89 -28.71 -28.70
N THR A 76 19.77 -27.63 -29.48
CA THR A 76 19.88 -27.76 -30.92
C THR A 76 21.28 -28.20 -31.34
N LYS A 77 22.28 -27.96 -30.50
CA LYS A 77 23.62 -28.49 -30.67
C LYS A 77 23.77 -29.70 -29.75
N ARG A 78 25.02 -30.11 -29.50
CA ARG A 78 25.33 -31.26 -28.65
C ARG A 78 24.67 -32.55 -29.16
N PHE A 79 24.18 -32.55 -30.40
CA PHE A 79 23.59 -33.77 -30.97
C PHE A 79 24.63 -34.87 -31.08
N ASP A 80 25.88 -34.51 -31.42
CA ASP A 80 26.94 -35.49 -31.47
C ASP A 80 27.25 -36.06 -30.08
N ARG A 81 27.08 -35.25 -29.04
CA ARG A 81 27.20 -35.76 -27.68
C ARG A 81 26.04 -36.68 -27.34
N TYR A 82 24.84 -36.34 -27.81
CA TYR A 82 23.67 -37.18 -27.53
C TYR A 82 23.80 -38.55 -28.19
N ASN A 83 24.20 -38.58 -29.47
CA ASN A 83 24.40 -39.84 -30.15
C ASN A 83 25.61 -40.60 -29.64
N ALA A 84 26.54 -39.93 -28.96
CA ALA A 84 27.68 -40.61 -28.38
C ALA A 84 27.27 -41.43 -27.17
N VAL A 85 26.32 -40.92 -26.37
CA VAL A 85 25.82 -41.67 -25.23
C VAL A 85 24.87 -42.77 -25.67
N ILE A 86 24.10 -42.54 -26.72
CA ILE A 86 23.21 -43.58 -27.24
C ILE A 86 24.02 -44.77 -27.73
N ASP A 87 25.10 -44.51 -28.47
CA ASP A 87 25.96 -45.60 -28.91
C ASP A 87 26.64 -46.29 -27.74
N GLN A 88 26.89 -45.56 -26.65
CA GLN A 88 27.46 -46.18 -25.46
C GLN A 88 26.47 -47.11 -24.79
N MET A 89 25.20 -46.69 -24.69
CA MET A 89 24.19 -47.53 -24.04
C MET A 89 23.84 -48.74 -24.89
N LEU A 90 24.01 -48.64 -26.22
CA LEU A 90 23.77 -49.79 -27.08
C LEU A 90 24.83 -50.87 -26.84
N GLU A 91 26.07 -50.46 -26.56
CA GLU A 91 27.13 -51.43 -26.31
C GLU A 91 27.00 -52.08 -24.93
N GLU A 92 26.52 -51.33 -23.94
CA GLU A 92 26.39 -51.87 -22.59
C GLU A 92 25.12 -52.68 -22.38
N GLY A 93 24.19 -52.64 -23.33
CA GLY A 93 22.95 -53.39 -23.21
C GLY A 93 21.82 -52.66 -22.51
N THR A 94 22.06 -51.44 -22.02
CA THR A 94 21.02 -50.67 -21.35
C THR A 94 20.03 -50.04 -22.33
N ALA A 95 20.32 -50.08 -23.62
CA ALA A 95 19.43 -49.56 -24.65
C ALA A 95 19.48 -50.47 -25.86
N TYR A 96 18.33 -50.87 -26.36
CA TYR A 96 18.23 -51.76 -27.52
C TYR A 96 17.76 -50.97 -28.73
N LYS A 97 17.54 -51.70 -29.83
CA LYS A 97 17.18 -51.12 -31.11
C LYS A 97 15.85 -51.70 -31.55
N CYS A 98 14.83 -50.86 -31.64
CA CYS A 98 13.49 -51.29 -32.04
C CYS A 98 13.35 -51.29 -33.55
N TYR A 99 12.57 -52.25 -34.06
CA TYR A 99 12.38 -52.42 -35.49
C TYR A 99 10.92 -52.36 -35.90
N CYS A 100 10.00 -52.08 -34.98
CA CYS A 100 8.59 -52.02 -35.33
C CYS A 100 8.29 -50.75 -36.13
N SER A 101 7.34 -50.86 -37.04
CA SER A 101 6.96 -49.73 -37.89
C SER A 101 5.94 -48.85 -37.17
N LYS A 102 5.71 -47.66 -37.74
CA LYS A 102 4.74 -46.74 -37.17
C LYS A 102 3.32 -47.26 -37.26
N GLU A 103 3.05 -48.18 -38.21
CA GLU A 103 1.72 -48.79 -38.29
C GLU A 103 1.46 -49.68 -37.09
N ARG A 104 2.45 -50.50 -36.71
CA ARG A 104 2.27 -51.39 -35.57
C ARG A 104 2.35 -50.62 -34.25
N LEU A 105 3.08 -49.51 -34.22
CA LEU A 105 3.18 -48.72 -33.00
C LEU A 105 1.87 -48.01 -32.69
N GLU A 106 1.20 -47.48 -33.71
CA GLU A 106 -0.08 -46.83 -33.48
C GLU A 106 -1.21 -47.83 -33.27
N ALA A 107 -1.10 -49.03 -33.87
CA ALA A 107 -2.04 -50.09 -33.59
C ALA A 107 -1.89 -50.65 -32.19
N LEU A 108 -0.70 -50.52 -31.61
CA LEU A 108 -0.49 -50.95 -30.22
C LEU A 108 -1.11 -49.97 -29.24
N ARG A 109 -1.02 -48.67 -29.55
CA ARG A 109 -1.57 -47.66 -28.64
C ARG A 109 -3.10 -47.66 -28.66
N GLU A 110 -3.70 -47.85 -29.83
CA GLU A 110 -5.15 -47.88 -29.92
C GLU A 110 -5.72 -49.13 -29.26
N GLU A 111 -4.95 -50.22 -29.21
CA GLU A 111 -5.42 -51.43 -28.56
C GLU A 111 -5.31 -51.34 -27.04
N GLN A 112 -4.30 -50.63 -26.53
CA GLN A 112 -4.16 -50.47 -25.09
C GLN A 112 -5.15 -49.43 -24.54
N MET A 113 -5.37 -48.34 -25.29
CA MET A 113 -6.37 -47.36 -24.88
C MET A 113 -7.77 -47.94 -24.91
N ALA A 114 -8.05 -48.84 -25.86
CA ALA A 114 -9.36 -49.48 -25.90
C ALA A 114 -9.50 -50.49 -24.76
N LYS A 115 -8.46 -51.28 -24.51
CA LYS A 115 -8.46 -52.29 -23.45
C LYS A 115 -8.40 -51.67 -22.04
N GLY A 116 -8.47 -50.35 -21.92
CA GLY A 116 -8.44 -49.72 -20.61
C GLY A 116 -7.10 -49.78 -19.92
N GLU A 117 -6.02 -49.63 -20.68
CA GLU A 117 -4.66 -49.67 -20.14
C GLU A 117 -3.97 -48.32 -20.38
N LYS A 118 -2.69 -48.28 -20.05
CA LYS A 118 -1.85 -47.10 -20.21
C LYS A 118 -0.97 -47.26 -21.43
N PRO A 119 -0.87 -46.24 -22.28
CA PRO A 119 -0.07 -46.37 -23.51
C PRO A 119 1.41 -46.63 -23.23
N ARG A 120 1.81 -47.90 -23.27
CA ARG A 120 3.19 -48.28 -23.06
C ARG A 120 3.59 -49.31 -24.11
N TYR A 121 4.81 -49.18 -24.62
CA TYR A 121 5.31 -50.09 -25.65
C TYR A 121 5.80 -51.38 -25.01
N ASP A 122 5.19 -52.50 -25.40
CA ASP A 122 5.61 -53.80 -24.88
C ASP A 122 6.97 -54.20 -25.44
N GLY A 123 7.65 -55.08 -24.72
CA GLY A 123 8.98 -55.49 -25.10
C GLY A 123 9.04 -56.52 -26.22
N ARG A 124 8.48 -56.15 -27.38
CA ARG A 124 8.59 -57.05 -28.54
C ARG A 124 9.99 -57.00 -29.14
N CYS A 125 10.55 -55.80 -29.29
CA CYS A 125 11.90 -55.62 -29.79
C CYS A 125 12.93 -55.49 -28.67
N ARG A 126 12.50 -55.59 -27.42
CA ARG A 126 13.45 -55.48 -26.30
C ARG A 126 14.44 -56.62 -26.34
N HIS A 127 13.98 -57.85 -26.59
CA HIS A 127 14.86 -58.99 -26.69
C HIS A 127 14.43 -59.83 -27.90
N SER A 128 14.45 -59.21 -29.08
CA SER A 128 13.97 -59.86 -30.28
C SER A 128 15.06 -60.73 -30.89
N HIS A 129 14.67 -61.92 -31.34
CA HIS A 129 15.57 -62.86 -32.00
C HIS A 129 15.32 -62.92 -33.50
N GLU A 130 14.76 -61.86 -34.07
CA GLU A 130 14.21 -61.87 -35.42
C GLU A 130 15.16 -61.29 -36.46
N HIS A 131 16.43 -61.06 -36.10
CA HIS A 131 17.45 -60.55 -37.04
C HIS A 131 16.98 -59.18 -37.52
N HIS A 132 16.87 -58.94 -38.84
CA HIS A 132 16.54 -57.65 -39.40
C HIS A 132 17.49 -56.58 -38.88
N ALA A 133 18.69 -56.51 -39.43
CA ALA A 133 19.74 -55.66 -38.89
C ALA A 133 20.46 -54.94 -40.03
N ASP A 134 21.51 -54.20 -39.66
CA ASP A 134 22.40 -53.48 -40.57
C ASP A 134 21.69 -52.36 -41.33
N ASP A 135 21.59 -52.49 -42.65
CA ASP A 135 21.18 -51.40 -43.52
C ASP A 135 19.74 -50.95 -43.29
N GLU A 136 18.93 -51.73 -42.59
CA GLU A 136 17.52 -51.38 -42.45
C GLU A 136 17.34 -50.21 -41.48
N PRO A 137 16.51 -49.22 -41.83
CA PRO A 137 16.23 -48.13 -40.90
C PRO A 137 15.47 -48.64 -39.68
N CYS A 138 15.62 -47.91 -38.57
CA CYS A 138 15.09 -48.36 -37.29
C CYS A 138 15.12 -47.20 -36.30
N VAL A 139 14.65 -47.47 -35.09
CA VAL A 139 14.74 -46.55 -33.96
C VAL A 139 15.30 -47.32 -32.78
N VAL A 140 15.96 -46.60 -31.87
CA VAL A 140 16.51 -47.21 -30.67
C VAL A 140 15.72 -46.71 -29.46
N ARG A 141 15.57 -47.59 -28.48
CA ARG A 141 14.82 -47.30 -27.27
C ARG A 141 15.67 -47.59 -26.05
N PHE A 142 15.15 -47.21 -24.89
CA PHE A 142 15.85 -47.38 -23.61
C PHE A 142 15.24 -48.55 -22.85
N ALA A 143 16.07 -49.54 -22.51
CA ALA A 143 15.60 -50.70 -21.78
C ALA A 143 15.26 -50.33 -20.34
N ASN A 144 14.00 -50.01 -20.09
CA ASN A 144 13.59 -49.61 -18.75
C ASN A 144 13.55 -50.83 -17.83
N PRO A 145 13.96 -50.68 -16.57
CA PRO A 145 13.89 -51.81 -15.64
C PRO A 145 12.46 -52.28 -15.42
N GLN A 146 12.31 -53.59 -15.24
CA GLN A 146 11.01 -54.21 -15.06
C GLN A 146 10.64 -54.44 -13.60
N GLU A 147 11.63 -54.73 -12.75
CA GLU A 147 11.37 -55.05 -11.35
C GLU A 147 11.37 -53.81 -10.48
N GLY A 148 10.65 -53.90 -9.37
CA GLY A 148 10.65 -52.84 -8.37
C GLY A 148 10.01 -51.56 -8.86
N SER A 149 10.42 -50.44 -8.26
CA SER A 149 9.90 -49.13 -8.60
C SER A 149 10.95 -48.08 -8.26
N VAL A 150 10.69 -46.86 -8.69
CA VAL A 150 11.57 -45.72 -8.44
C VAL A 150 10.83 -44.72 -7.56
N VAL A 151 11.46 -44.32 -6.47
CA VAL A 151 10.88 -43.36 -5.52
C VAL A 151 11.91 -42.27 -5.27
N PHE A 152 11.47 -41.01 -5.40
CA PHE A 152 12.33 -39.86 -5.19
C PHE A 152 11.67 -38.93 -4.18
N ASP A 153 12.47 -38.43 -3.25
CA ASP A 153 11.98 -37.54 -2.19
C ASP A 153 11.91 -36.13 -2.74
N ASP A 154 10.72 -35.72 -3.19
CA ASP A 154 10.52 -34.37 -3.70
C ASP A 154 10.46 -33.39 -2.54
N GLN A 155 11.28 -32.34 -2.60
CA GLN A 155 11.33 -31.35 -1.53
C GLN A 155 10.02 -30.58 -1.39
N ILE A 156 9.23 -30.50 -2.46
CA ILE A 156 7.98 -29.75 -2.44
C ILE A 156 6.77 -30.67 -2.28
N ARG A 157 6.74 -31.77 -3.03
CA ARG A 157 5.60 -32.67 -3.05
C ARG A 157 5.71 -33.81 -2.05
N GLY A 158 6.87 -34.00 -1.43
CA GLY A 158 7.08 -35.11 -0.53
C GLY A 158 7.52 -36.35 -1.28
N PRO A 159 7.41 -37.51 -0.64
CA PRO A 159 7.79 -38.77 -1.30
C PRO A 159 6.80 -39.10 -2.41
N ILE A 160 7.35 -39.40 -3.60
CA ILE A 160 6.55 -39.77 -4.77
C ILE A 160 7.07 -41.10 -5.28
N GLU A 161 6.15 -42.03 -5.57
CA GLU A 161 6.50 -43.37 -6.01
C GLU A 161 5.89 -43.63 -7.39
N PHE A 162 6.71 -44.19 -8.28
CA PHE A 162 6.27 -44.59 -9.61
C PHE A 162 6.65 -46.05 -9.84
N SER A 163 5.65 -46.90 -10.03
CA SER A 163 5.93 -48.30 -10.31
C SER A 163 6.56 -48.45 -11.69
N ASN A 164 7.52 -49.38 -11.79
CA ASN A 164 8.21 -49.59 -13.05
C ASN A 164 7.33 -50.27 -14.10
N GLN A 165 6.15 -50.76 -13.71
CA GLN A 165 5.26 -51.41 -14.65
C GLN A 165 4.42 -50.43 -15.46
N GLU A 166 4.35 -49.17 -15.05
CA GLU A 166 3.64 -48.14 -15.81
C GLU A 166 4.56 -47.27 -16.64
N LEU A 167 5.87 -47.48 -16.55
CA LEU A 167 6.85 -46.77 -17.36
C LEU A 167 7.26 -47.66 -18.53
N ASP A 168 7.21 -47.10 -19.73
CA ASP A 168 7.54 -47.86 -20.93
C ASP A 168 8.99 -47.68 -21.32
N ASP A 169 9.46 -48.58 -22.19
CA ASP A 169 10.80 -48.46 -22.78
C ASP A 169 10.76 -47.34 -23.80
N LEU A 170 10.95 -46.12 -23.31
CA LEU A 170 10.78 -44.94 -24.15
C LEU A 170 11.83 -44.89 -25.25
N ILE A 171 11.43 -44.40 -26.41
CA ILE A 171 12.34 -44.26 -27.54
C ILE A 171 13.28 -43.08 -27.28
N ILE A 172 14.57 -43.28 -27.59
CA ILE A 172 15.59 -42.26 -27.38
C ILE A 172 16.23 -41.80 -28.68
N ARG A 173 15.83 -42.34 -29.82
CA ARG A 173 16.28 -41.86 -31.12
C ARG A 173 15.23 -42.22 -32.16
N ARG A 174 14.79 -41.23 -32.92
CA ARG A 174 13.70 -41.42 -33.87
C ARG A 174 14.22 -42.13 -35.12
N THR A 175 13.42 -42.13 -36.19
CA THR A 175 13.85 -42.76 -37.44
C THR A 175 15.07 -42.05 -38.01
N ASP A 176 15.12 -40.73 -37.90
CA ASP A 176 16.32 -39.99 -38.25
C ASP A 176 17.30 -40.02 -37.07
N GLY A 177 18.46 -39.39 -37.26
CA GLY A 177 19.47 -39.38 -36.21
C GLY A 177 19.14 -38.53 -35.01
N SER A 178 18.03 -37.80 -35.03
CA SER A 178 17.71 -36.90 -33.94
C SER A 178 17.29 -37.70 -32.71
N PRO A 179 17.74 -37.31 -31.52
CA PRO A 179 17.31 -37.97 -30.29
C PRO A 179 16.12 -37.27 -29.65
N THR A 180 15.40 -38.03 -28.83
CA THR A 180 14.19 -37.53 -28.19
C THR A 180 14.53 -36.57 -27.06
N TYR A 181 13.50 -35.85 -26.60
CA TYR A 181 13.71 -34.78 -25.63
C TYR A 181 14.17 -35.31 -24.28
N ASN A 182 13.53 -36.38 -23.79
CA ASN A 182 13.83 -36.87 -22.44
C ASN A 182 15.28 -37.33 -22.33
N PHE A 183 15.82 -37.92 -23.39
CA PHE A 183 17.23 -38.30 -23.36
C PHE A 183 18.15 -37.09 -23.43
N CYS A 184 17.69 -36.01 -24.08
CA CYS A 184 18.47 -34.78 -24.11
C CYS A 184 18.53 -34.08 -22.76
N VAL A 185 17.70 -34.49 -21.80
CA VAL A 185 17.70 -33.87 -20.47
C VAL A 185 18.60 -34.65 -19.51
N VAL A 186 18.60 -35.98 -19.62
CA VAL A 186 19.37 -36.79 -18.67
C VAL A 186 20.87 -36.61 -18.87
N VAL A 187 21.30 -36.47 -20.13
CA VAL A 187 22.72 -36.31 -20.39
C VAL A 187 23.18 -34.90 -20.06
N ASP A 188 22.32 -33.90 -20.28
CA ASP A 188 22.67 -32.53 -19.91
C ASP A 188 22.81 -32.39 -18.39
N ASP A 189 21.86 -32.93 -17.64
CA ASP A 189 21.97 -32.93 -16.19
C ASP A 189 23.13 -33.79 -15.69
N TRP A 190 23.61 -34.71 -16.52
CA TRP A 190 24.75 -35.55 -16.17
C TRP A 190 26.08 -34.87 -16.53
N ASP A 191 26.18 -34.35 -17.76
CA ASP A 191 27.41 -33.69 -18.17
C ASP A 191 27.65 -32.40 -17.39
N MET A 192 26.59 -31.70 -17.03
CA MET A 192 26.71 -30.47 -16.25
C MET A 192 26.70 -30.71 -14.76
N GLU A 193 26.51 -31.96 -14.32
CA GLU A 193 26.62 -32.35 -12.91
C GLU A 193 25.63 -31.58 -12.04
N ILE A 194 24.35 -31.69 -12.41
CA ILE A 194 23.29 -31.04 -11.64
C ILE A 194 22.96 -31.90 -10.43
N THR A 195 22.86 -31.27 -9.26
CA THR A 195 22.56 -31.97 -8.03
C THR A 195 21.17 -31.68 -7.48
N HIS A 196 20.56 -30.56 -7.85
CA HIS A 196 19.22 -30.21 -7.40
C HIS A 196 18.42 -29.70 -8.58
N VAL A 197 17.29 -30.36 -8.86
CA VAL A 197 16.42 -29.98 -9.96
C VAL A 197 15.20 -29.28 -9.39
N ILE A 198 15.00 -28.02 -9.78
CA ILE A 198 13.85 -27.23 -9.37
C ILE A 198 13.15 -26.77 -10.65
N ARG A 199 12.05 -27.42 -10.99
CA ARG A 199 11.31 -27.09 -12.21
C ARG A 199 9.82 -27.04 -11.87
N GLY A 200 9.00 -26.95 -12.92
CA GLY A 200 7.57 -26.80 -12.75
C GLY A 200 6.91 -28.07 -12.24
N GLU A 201 5.58 -28.00 -12.18
CA GLU A 201 4.80 -29.11 -11.65
C GLU A 201 4.53 -30.17 -12.72
N ASP A 202 4.28 -29.75 -13.95
CA ASP A 202 3.90 -30.68 -15.01
C ASP A 202 5.05 -31.57 -15.48
N HIS A 203 6.27 -31.32 -15.02
CA HIS A 203 7.41 -32.17 -15.35
C HIS A 203 7.57 -33.34 -14.38
N ILE A 204 6.56 -33.61 -13.55
CA ILE A 204 6.68 -34.66 -12.55
C ILE A 204 6.58 -36.03 -13.19
N ASN A 205 5.87 -36.14 -14.32
CA ASN A 205 5.67 -37.45 -14.94
C ASN A 205 6.94 -37.95 -15.61
N ASN A 206 7.77 -37.05 -16.12
CA ASN A 206 9.03 -37.44 -16.75
C ASN A 206 10.16 -37.59 -15.75
N THR A 207 9.96 -37.23 -14.49
CA THR A 207 11.01 -37.39 -13.49
C THR A 207 11.38 -38.85 -13.24
N PRO A 208 10.44 -39.77 -13.01
CA PRO A 208 10.86 -41.18 -12.85
C PRO A 208 11.45 -41.77 -14.11
N ARG A 209 11.05 -41.28 -15.29
CA ARG A 209 11.67 -41.75 -16.53
C ARG A 209 13.11 -41.27 -16.63
N GLN A 210 13.39 -40.05 -16.16
CA GLN A 210 14.75 -39.53 -16.23
C GLN A 210 15.65 -40.17 -15.18
N ILE A 211 15.09 -40.59 -14.04
CA ILE A 211 15.90 -41.20 -13.00
C ILE A 211 16.36 -42.60 -13.42
N ASN A 212 15.45 -43.39 -14.00
CA ASN A 212 15.81 -44.73 -14.44
C ASN A 212 16.85 -44.72 -15.55
N ILE A 213 16.95 -43.62 -16.31
CA ILE A 213 18.00 -43.52 -17.31
C ILE A 213 19.33 -43.15 -16.66
N LEU A 214 19.30 -42.22 -15.70
CA LEU A 214 20.53 -41.84 -15.01
C LEU A 214 21.10 -43.00 -14.20
N LYS A 215 20.24 -43.77 -13.55
CA LYS A 215 20.70 -44.96 -12.84
C LYS A 215 21.24 -46.01 -13.80
N ALA A 216 20.75 -46.03 -15.04
CA ALA A 216 21.20 -47.04 -16.00
C ALA A 216 22.62 -46.76 -16.47
N LEU A 217 22.86 -45.55 -16.99
CA LEU A 217 24.17 -45.18 -17.50
C LEU A 217 25.14 -44.79 -16.39
N LYS A 218 24.88 -45.19 -15.15
CA LYS A 218 25.77 -44.92 -14.02
C LYS A 218 26.01 -43.43 -13.84
N ALA A 219 25.07 -42.73 -13.21
CA ALA A 219 25.14 -41.30 -13.02
C ALA A 219 24.60 -40.93 -11.66
N PRO A 220 25.17 -39.90 -11.02
CA PRO A 220 24.61 -39.42 -9.75
C PRO A 220 23.22 -38.83 -9.92
N VAL A 221 22.21 -39.54 -9.45
CA VAL A 221 20.83 -39.04 -9.58
C VAL A 221 20.62 -37.86 -8.65
N PRO A 222 20.06 -36.76 -9.13
CA PRO A 222 19.84 -35.59 -8.28
C PRO A 222 18.51 -35.67 -7.56
N VAL A 223 18.34 -34.79 -6.57
CA VAL A 223 17.10 -34.68 -5.82
C VAL A 223 16.21 -33.67 -6.53
N TYR A 224 14.94 -34.02 -6.72
CA TYR A 224 14.01 -33.22 -7.48
C TYR A 224 13.06 -32.45 -6.55
N ALA A 225 12.56 -31.33 -7.05
CA ALA A 225 11.62 -30.49 -6.29
C ALA A 225 10.77 -29.74 -7.30
N HIS A 226 9.52 -30.18 -7.46
CA HIS A 226 8.62 -29.62 -8.46
C HIS A 226 7.72 -28.57 -7.81
N VAL A 227 7.81 -27.33 -8.29
CA VAL A 227 7.03 -26.23 -7.77
C VAL A 227 5.64 -26.26 -8.38
N SER A 228 4.63 -25.97 -7.57
CA SER A 228 3.26 -25.97 -8.03
C SER A 228 3.01 -24.84 -9.03
N MET A 229 1.95 -24.99 -9.81
CA MET A 229 1.60 -23.97 -10.79
C MET A 229 1.10 -22.70 -10.10
N ILE A 230 1.15 -21.60 -10.84
CA ILE A 230 0.64 -20.31 -10.37
C ILE A 230 -0.78 -20.14 -10.90
N ASN A 231 -1.74 -20.00 -10.00
CA ASN A 231 -3.12 -19.78 -10.39
C ASN A 231 -3.42 -18.29 -10.48
N GLY A 232 -4.39 -17.96 -11.34
CA GLY A 232 -4.74 -16.58 -11.58
C GLY A 232 -5.63 -15.98 -10.49
N ASP A 233 -6.64 -15.23 -10.91
CA ASP A 233 -7.54 -14.55 -9.98
C ASP A 233 -8.74 -15.43 -9.59
N ASP A 234 -9.28 -16.20 -10.52
CA ASP A 234 -10.47 -17.01 -10.29
C ASP A 234 -10.14 -18.46 -9.95
N GLY A 235 -8.86 -18.80 -9.77
CA GLY A 235 -8.47 -20.15 -9.45
C GLY A 235 -7.97 -20.96 -10.62
N GLU A 236 -7.95 -20.39 -11.83
CA GLU A 236 -7.44 -21.08 -13.00
C GLU A 236 -5.96 -20.79 -13.17
N LYS A 237 -5.32 -21.57 -14.04
CA LYS A 237 -3.89 -21.39 -14.30
C LYS A 237 -3.62 -20.00 -14.86
N LEU A 238 -2.50 -19.41 -14.45
CA LEU A 238 -2.19 -18.04 -14.83
C LEU A 238 -2.06 -17.91 -16.34
N SER A 239 -2.84 -17.00 -16.92
CA SER A 239 -2.86 -16.77 -18.35
C SER A 239 -2.81 -15.27 -18.62
N LYS A 240 -2.78 -14.91 -19.90
CA LYS A 240 -2.71 -13.51 -20.29
C LYS A 240 -3.97 -12.73 -19.92
N ARG A 241 -5.10 -13.43 -19.76
CA ARG A 241 -6.35 -12.75 -19.43
C ARG A 241 -6.40 -12.30 -17.98
N HIS A 242 -5.63 -12.93 -17.09
CA HIS A 242 -5.59 -12.50 -15.71
C HIS A 242 -4.82 -11.19 -15.54
N GLY A 243 -3.92 -10.87 -16.46
CA GLY A 243 -3.13 -9.66 -16.37
C GLY A 243 -1.83 -9.82 -17.13
N ALA A 244 -0.85 -9.00 -16.74
CA ALA A 244 0.47 -9.09 -17.35
C ALA A 244 1.09 -10.44 -17.04
N VAL A 245 1.69 -11.06 -18.06
CA VAL A 245 2.20 -12.42 -17.94
C VAL A 245 3.69 -12.53 -18.24
N SER A 246 4.29 -11.58 -18.92
CA SER A 246 5.72 -11.61 -19.21
C SER A 246 6.45 -10.64 -18.28
N VAL A 247 7.67 -11.01 -17.88
CA VAL A 247 8.44 -10.17 -16.97
C VAL A 247 8.80 -8.85 -17.64
N MET A 248 8.95 -8.85 -18.97
CA MET A 248 9.27 -7.62 -19.69
C MET A 248 8.05 -6.74 -19.89
N GLN A 249 6.85 -7.31 -19.89
CA GLN A 249 5.66 -6.48 -19.90
C GLN A 249 5.52 -5.69 -18.60
N TYR A 250 5.97 -6.28 -17.48
CA TYR A 250 6.00 -5.53 -16.23
C TYR A 250 7.03 -4.41 -16.27
N ARG A 251 8.15 -4.63 -16.96
CA ARG A 251 9.13 -3.56 -17.13
C ARG A 251 8.57 -2.44 -18.01
N ASP A 252 7.75 -2.80 -19.00
CA ASP A 252 7.09 -1.78 -19.81
C ASP A 252 6.00 -1.05 -19.02
N ASP A 253 5.37 -1.74 -18.06
CA ASP A 253 4.29 -1.15 -17.27
C ASP A 253 4.81 -0.23 -16.17
N GLY A 254 6.12 -0.20 -15.93
CA GLY A 254 6.68 0.71 -14.94
C GLY A 254 6.95 0.06 -13.60
N TYR A 255 7.56 -1.12 -13.61
CA TYR A 255 7.89 -1.85 -12.40
C TYR A 255 9.40 -1.94 -12.22
N LEU A 256 9.80 -2.17 -10.97
CA LEU A 256 11.18 -2.38 -10.56
C LEU A 256 11.45 -3.87 -10.40
N PRO A 257 12.65 -4.34 -10.76
CA PRO A 257 12.94 -5.77 -10.64
C PRO A 257 12.83 -6.28 -9.21
N GLU A 258 13.20 -5.45 -8.22
CA GLU A 258 13.09 -5.86 -6.83
C GLU A 258 11.64 -6.08 -6.41
N ALA A 259 10.71 -5.32 -7.00
CA ALA A 259 9.31 -5.47 -6.64
C ALA A 259 8.73 -6.78 -7.20
N LEU A 260 9.10 -7.13 -8.43
CA LEU A 260 8.58 -8.35 -9.03
C LEU A 260 9.19 -9.59 -8.39
N LEU A 261 10.50 -9.56 -8.13
CA LEU A 261 11.16 -10.72 -7.54
C LEU A 261 10.73 -10.94 -6.10
N ASN A 262 10.44 -9.87 -5.36
CA ASN A 262 9.97 -10.02 -3.99
C ASN A 262 8.56 -10.58 -3.94
N TYR A 263 7.75 -10.31 -4.97
CA TYR A 263 6.39 -10.82 -4.99
C TYR A 263 6.34 -12.27 -5.47
N LEU A 264 7.15 -12.63 -6.46
CA LEU A 264 7.17 -14.01 -6.95
C LEU A 264 7.71 -14.95 -5.89
N VAL A 265 8.58 -14.48 -5.00
CA VAL A 265 9.06 -15.31 -3.91
C VAL A 265 7.94 -15.60 -2.93
N ARG A 266 7.10 -14.60 -2.63
CA ARG A 266 5.99 -14.77 -1.72
C ARG A 266 4.90 -15.68 -2.27
N LEU A 267 5.01 -16.11 -3.52
CA LEU A 267 4.04 -17.04 -4.11
C LEU A 267 4.50 -18.46 -3.80
N GLY A 268 3.98 -19.02 -2.71
CA GLY A 268 4.35 -20.36 -2.29
C GLY A 268 5.32 -20.36 -1.13
N TRP A 269 6.53 -19.87 -1.37
CA TRP A 269 7.52 -19.77 -0.30
C TRP A 269 7.11 -18.72 0.71
N SER A 270 7.43 -18.97 1.98
CA SER A 270 7.03 -18.08 3.05
C SER A 270 8.07 -18.11 4.16
N HIS A 271 8.22 -16.97 4.84
CA HIS A 271 9.05 -16.87 6.02
C HIS A 271 8.24 -16.54 7.27
N GLY A 272 6.93 -16.37 7.14
CA GLY A 272 6.07 -16.11 8.27
C GLY A 272 6.01 -14.66 8.69
N ASP A 273 7.16 -14.11 9.11
CA ASP A 273 7.18 -12.77 9.66
C ASP A 273 7.11 -11.70 8.57
N GLN A 274 7.96 -11.82 7.55
CA GLN A 274 8.21 -10.73 6.62
C GLN A 274 7.38 -10.87 5.35
N GLU A 275 7.22 -9.73 4.67
CA GLU A 275 6.68 -9.68 3.32
C GLU A 275 7.62 -9.02 2.32
N ILE A 276 8.63 -8.31 2.78
CA ILE A 276 9.59 -7.61 1.93
C ILE A 276 10.98 -8.14 2.26
N PHE A 277 11.65 -8.70 1.26
CA PHE A 277 13.01 -9.20 1.41
C PHE A 277 13.92 -8.55 0.38
N THR A 278 15.18 -8.35 0.75
CA THR A 278 16.19 -7.88 -0.18
C THR A 278 16.82 -9.07 -0.89
N ARG A 279 17.63 -8.78 -1.91
CA ARG A 279 18.25 -9.85 -2.69
C ARG A 279 19.10 -10.75 -1.80
N GLU A 280 20.03 -10.15 -1.05
CA GLU A 280 20.85 -10.93 -0.14
C GLU A 280 20.06 -11.52 1.00
N GLU A 281 18.91 -10.93 1.34
CA GLU A 281 18.05 -11.47 2.39
C GLU A 281 17.29 -12.70 1.90
N MET A 282 16.97 -12.77 0.61
CA MET A 282 16.32 -13.96 0.07
C MET A 282 17.30 -15.12 -0.04
N ILE A 283 18.59 -14.84 -0.24
CA ILE A 283 19.57 -15.90 -0.37
C ILE A 283 19.75 -16.65 0.94
N LYS A 284 19.76 -15.91 2.06
CA LYS A 284 20.04 -16.54 3.35
C LYS A 284 18.85 -17.38 3.82
N TYR A 285 17.66 -16.77 3.86
CA TYR A 285 16.51 -17.40 4.49
C TYR A 285 15.77 -18.39 3.60
N PHE A 286 16.20 -18.56 2.35
CA PHE A 286 15.46 -19.43 1.44
C PHE A 286 15.67 -20.89 1.80
N THR A 287 14.56 -21.63 1.88
CA THR A 287 14.58 -23.07 2.13
C THR A 287 13.54 -23.73 1.24
N LEU A 288 13.96 -24.75 0.49
CA LEU A 288 13.03 -25.45 -0.39
C LEU A 288 11.92 -26.13 0.40
N ASN A 289 12.21 -26.55 1.63
CA ASN A 289 11.19 -27.18 2.46
C ASN A 289 10.08 -26.21 2.85
N ALA A 290 10.33 -24.90 2.76
CA ALA A 290 9.32 -23.91 3.12
C ALA A 290 8.37 -23.61 1.98
N VAL A 291 8.71 -23.97 0.74
CA VAL A 291 7.83 -23.72 -0.39
C VAL A 291 6.60 -24.62 -0.27
N SER A 292 5.42 -24.02 -0.37
CA SER A 292 4.18 -24.75 -0.20
C SER A 292 3.83 -25.55 -1.44
N LYS A 293 3.20 -26.71 -1.22
CA LYS A 293 2.70 -27.52 -2.33
C LYS A 293 1.45 -26.94 -2.96
N SER A 294 0.68 -26.15 -2.21
CA SER A 294 -0.54 -25.57 -2.75
C SER A 294 -0.21 -24.46 -3.75
N ALA A 295 -1.14 -24.24 -4.67
CA ALA A 295 -0.98 -23.19 -5.66
C ALA A 295 -1.40 -21.85 -5.09
N SER A 296 -0.68 -20.80 -5.48
CA SER A 296 -0.93 -19.45 -4.99
C SER A 296 -1.58 -18.62 -6.08
N ALA A 297 -2.48 -17.72 -5.68
CA ALA A 297 -3.16 -16.83 -6.62
C ALA A 297 -2.33 -15.58 -6.84
N PHE A 298 -2.59 -14.92 -7.97
CA PHE A 298 -1.88 -13.71 -8.36
C PHE A 298 -2.75 -12.51 -8.04
N ASN A 299 -2.28 -11.66 -7.14
CA ASN A 299 -2.98 -10.45 -6.72
C ASN A 299 -2.23 -9.25 -7.29
N THR A 300 -2.73 -8.71 -8.41
CA THR A 300 -2.05 -7.59 -9.06
C THR A 300 -2.11 -6.33 -8.23
N ASP A 301 -3.14 -6.17 -7.40
CA ASP A 301 -3.24 -4.98 -6.56
C ASP A 301 -2.15 -4.96 -5.49
N LYS A 302 -1.81 -6.14 -4.95
CA LYS A 302 -0.73 -6.21 -3.97
C LYS A 302 0.62 -5.95 -4.63
N LEU A 303 0.82 -6.46 -5.85
CA LEU A 303 2.08 -6.24 -6.56
C LEU A 303 2.29 -4.75 -6.86
N LEU A 304 1.21 -4.00 -7.09
CA LEU A 304 1.34 -2.58 -7.36
C LEU A 304 1.85 -1.83 -6.13
N TRP A 305 1.27 -2.11 -4.96
CA TRP A 305 1.73 -1.45 -3.74
C TRP A 305 3.11 -1.97 -3.31
N LEU A 306 3.46 -3.19 -3.69
CA LEU A 306 4.82 -3.65 -3.50
C LEU A 306 5.79 -2.82 -4.33
N ASN A 307 5.37 -2.38 -5.51
CA ASN A 307 6.21 -1.54 -6.35
C ASN A 307 6.29 -0.12 -5.79
N HIS A 308 5.20 0.37 -5.21
CA HIS A 308 5.20 1.73 -4.64
C HIS A 308 6.18 1.84 -3.48
N HIS A 309 6.27 0.79 -2.66
CA HIS A 309 7.20 0.82 -1.53
C HIS A 309 8.65 0.85 -2.01
N TYR A 310 8.99 0.00 -2.98
CA TYR A 310 10.37 -0.05 -3.48
C TYR A 310 10.79 1.24 -4.17
N ILE A 311 9.83 2.01 -4.70
CA ILE A 311 10.18 3.28 -5.34
C ILE A 311 10.73 4.26 -4.31
N ASN A 312 10.14 4.29 -3.13
CA ASN A 312 10.57 5.21 -2.08
C ASN A 312 11.56 4.58 -1.10
N ALA A 313 11.71 3.26 -1.10
CA ALA A 313 12.64 2.60 -0.19
C ALA A 313 14.01 2.40 -0.80
N LEU A 314 14.08 2.05 -2.09
CA LEU A 314 15.36 1.88 -2.75
C LEU A 314 16.06 3.23 -2.89
N PRO A 315 17.38 3.22 -3.06
CA PRO A 315 18.13 4.47 -3.25
C PRO A 315 17.59 5.25 -4.43
N PRO A 316 17.39 6.56 -4.26
CA PRO A 316 16.84 7.37 -5.37
C PRO A 316 17.69 7.33 -6.62
N GLU A 317 18.99 7.07 -6.50
CA GLU A 317 19.84 6.97 -7.68
C GLU A 317 19.53 5.71 -8.47
N TYR A 318 19.28 4.60 -7.78
CA TYR A 318 19.01 3.35 -8.47
C TYR A 318 17.62 3.34 -9.11
N VAL A 319 16.63 3.91 -8.41
CA VAL A 319 15.29 4.03 -9.00
C VAL A 319 15.35 4.94 -10.22
N ALA A 320 16.23 5.93 -10.21
CA ALA A 320 16.37 6.82 -11.36
C ALA A 320 16.91 6.09 -12.58
N THR A 321 17.79 5.10 -12.37
CA THR A 321 18.33 4.34 -13.50
C THR A 321 17.24 3.53 -14.20
N HIS A 322 16.22 3.09 -13.46
CA HIS A 322 15.08 2.43 -14.07
C HIS A 322 14.03 3.42 -14.56
N LEU A 323 14.01 4.63 -13.99
CA LEU A 323 13.09 5.66 -14.48
C LEU A 323 13.49 6.17 -15.85
N GLN A 324 14.78 6.05 -16.22
CA GLN A 324 15.24 6.57 -17.50
C GLN A 324 14.58 5.86 -18.67
N TRP A 325 14.24 4.58 -18.52
CA TRP A 325 13.67 3.83 -19.63
C TRP A 325 12.28 4.37 -19.98
N HIS A 326 11.44 4.60 -18.97
CA HIS A 326 10.11 5.13 -19.23
C HIS A 326 10.13 6.61 -19.57
N ILE A 327 11.19 7.33 -19.18
CA ILE A 327 11.35 8.71 -19.61
C ILE A 327 11.51 8.76 -21.13
N ALA A 328 12.35 7.89 -21.68
CA ALA A 328 12.49 7.79 -23.13
C ALA A 328 11.21 7.28 -23.79
N GLN A 329 10.39 6.53 -23.05
CA GLN A 329 9.10 6.10 -23.60
C GLN A 329 8.16 7.29 -23.78
N GLU A 330 8.17 8.23 -22.83
CA GLU A 330 7.39 9.45 -22.95
C GLU A 330 8.07 10.49 -23.84
N ASN A 331 9.31 10.24 -24.24
CA ASN A 331 10.07 11.15 -25.11
C ASN A 331 10.15 12.55 -24.49
N ILE A 332 11.00 12.71 -23.48
CA ILE A 332 11.13 13.96 -22.75
C ILE A 332 12.57 14.42 -22.83
N ASP A 333 12.76 15.70 -23.20
CA ASP A 333 14.09 16.31 -23.23
C ASP A 333 14.49 16.68 -21.81
N THR A 334 15.30 15.83 -21.19
CA THR A 334 15.70 16.00 -19.79
C THR A 334 17.03 16.72 -19.64
N ARG A 335 17.31 17.68 -20.51
CA ARG A 335 18.54 18.46 -20.39
C ARG A 335 18.38 19.65 -19.44
N ASN A 336 17.24 20.33 -19.50
CA ASN A 336 16.99 21.54 -18.72
C ASN A 336 15.96 21.19 -17.65
N GLY A 337 16.44 20.72 -16.50
CA GLY A 337 15.58 20.36 -15.40
C GLY A 337 16.36 19.79 -14.22
N PRO A 338 15.65 19.13 -13.31
CA PRO A 338 16.31 18.53 -12.14
C PRO A 338 16.88 17.16 -12.47
N GLN A 339 17.66 16.64 -11.52
CA GLN A 339 18.25 15.32 -11.68
C GLN A 339 17.17 14.24 -11.62
N LEU A 340 17.48 13.08 -12.20
CA LEU A 340 16.55 11.96 -12.17
C LEU A 340 16.45 11.38 -10.76
N ALA A 341 17.56 11.31 -10.04
CA ALA A 341 17.52 10.86 -8.65
C ALA A 341 16.75 11.82 -7.77
N ASP A 342 16.75 13.11 -8.12
CA ASP A 342 15.96 14.09 -7.39
C ASP A 342 14.51 14.13 -7.86
N LEU A 343 14.22 13.59 -9.03
CA LEU A 343 12.84 13.57 -9.52
C LEU A 343 12.02 12.53 -8.77
N VAL A 344 12.60 11.36 -8.51
CA VAL A 344 11.89 10.33 -7.76
C VAL A 344 11.65 10.76 -6.31
N LYS A 345 12.41 11.74 -5.81
CA LYS A 345 12.15 12.27 -4.49
C LYS A 345 10.90 13.15 -4.49
N LEU A 346 10.58 13.78 -5.62
CA LEU A 346 9.41 14.65 -5.70
C LEU A 346 8.14 13.84 -5.93
N LEU A 347 8.16 12.98 -6.94
CA LEU A 347 6.98 12.20 -7.34
C LEU A 347 6.93 10.82 -6.68
N GLY A 348 7.67 10.63 -5.59
CA GLY A 348 7.74 9.33 -4.94
C GLY A 348 6.43 8.88 -4.32
N GLU A 349 5.94 9.64 -3.33
CA GLU A 349 4.73 9.26 -2.63
C GLU A 349 3.48 9.39 -3.50
N ARG A 350 3.57 10.10 -4.62
CA ARG A 350 2.38 10.36 -5.43
C ARG A 350 2.01 9.15 -6.29
N CYS A 351 2.88 8.79 -7.23
CA CYS A 351 2.59 7.68 -8.14
C CYS A 351 3.15 6.37 -7.59
N LYS A 352 2.60 5.27 -8.12
CA LYS A 352 2.96 3.93 -7.67
C LYS A 352 3.62 3.09 -8.75
N THR A 353 3.96 3.69 -9.90
CA THR A 353 4.64 2.99 -10.97
C THR A 353 5.45 3.98 -11.77
N LEU A 354 6.60 3.52 -12.29
CA LEU A 354 7.51 4.41 -12.98
C LEU A 354 6.90 4.99 -14.26
N LYS A 355 6.00 4.24 -14.91
CA LYS A 355 5.28 4.79 -16.04
C LYS A 355 4.46 6.01 -15.62
N GLU A 356 3.82 5.93 -14.45
CA GLU A 356 3.06 7.07 -13.95
C GLU A 356 3.97 8.21 -13.51
N MET A 357 5.26 7.94 -13.33
CA MET A 357 6.22 8.99 -12.98
C MET A 357 6.82 9.65 -14.22
N ALA A 358 7.11 8.87 -15.26
CA ALA A 358 7.52 9.45 -16.53
C ALA A 358 6.44 10.36 -17.09
N GLN A 359 5.19 9.93 -17.00
CA GLN A 359 4.08 10.84 -17.24
C GLN A 359 3.91 11.76 -16.04
N SER A 360 3.23 12.89 -16.28
CA SER A 360 3.03 13.91 -15.25
C SER A 360 4.36 14.41 -14.69
N CYS A 361 5.32 14.66 -15.58
CA CYS A 361 6.58 15.26 -15.18
C CYS A 361 7.21 16.10 -16.30
N ARG A 362 6.55 16.27 -17.44
CA ARG A 362 7.16 16.98 -18.56
C ARG A 362 7.38 18.45 -18.24
N TYR A 363 6.54 19.04 -17.38
CA TYR A 363 6.67 20.46 -17.06
C TYR A 363 7.91 20.75 -16.23
N PHE A 364 8.64 19.74 -15.78
CA PHE A 364 9.91 19.96 -15.10
C PHE A 364 11.08 20.13 -16.06
N TYR A 365 10.93 19.69 -17.30
CA TYR A 365 12.02 19.70 -18.27
C TYR A 365 11.70 20.47 -19.54
N GLU A 366 10.46 20.43 -20.01
CA GLU A 366 10.09 21.06 -21.27
C GLU A 366 9.01 22.11 -21.03
N ASP A 367 8.99 23.12 -21.89
CA ASP A 367 7.94 24.13 -21.87
C ASP A 367 6.67 23.58 -22.51
N PHE A 368 5.53 24.10 -22.07
CA PHE A 368 4.23 23.68 -22.58
C PHE A 368 3.66 24.76 -23.48
N ALA A 369 3.00 24.33 -24.57
CA ALA A 369 2.45 25.28 -25.52
C ALA A 369 1.20 25.97 -24.97
N GLU A 370 0.24 25.19 -24.51
CA GLU A 370 -1.03 25.70 -24.00
C GLU A 370 -1.15 25.41 -22.50
N PHE A 371 -2.22 25.91 -21.92
CA PHE A 371 -2.59 25.59 -20.55
C PHE A 371 -3.70 24.54 -20.53
N ASP A 372 -4.02 24.09 -19.33
CA ASP A 372 -5.18 23.22 -19.14
C ASP A 372 -6.45 24.06 -19.21
N ALA A 373 -7.39 23.67 -20.07
CA ALA A 373 -8.56 24.49 -20.30
C ALA A 373 -9.36 24.72 -19.02
N ASP A 374 -9.55 23.66 -18.22
CA ASP A 374 -10.29 23.82 -16.98
C ASP A 374 -9.46 24.55 -15.94
N ALA A 375 -8.17 24.28 -15.86
CA ALA A 375 -7.31 24.98 -14.91
C ALA A 375 -7.10 26.43 -15.31
N ALA A 376 -7.22 26.75 -16.61
CA ALA A 376 -7.12 28.14 -17.03
C ALA A 376 -8.35 28.92 -16.63
N LYS A 377 -9.54 28.31 -16.73
CA LYS A 377 -10.76 28.94 -16.27
C LYS A 377 -10.83 29.05 -14.75
N LYS A 378 -9.90 28.42 -14.03
CA LYS A 378 -9.87 28.53 -12.58
C LYS A 378 -9.22 29.83 -12.13
N HIS A 379 -8.11 30.22 -12.74
CA HIS A 379 -7.42 31.46 -12.40
C HIS A 379 -7.76 32.50 -13.49
N LEU A 380 -8.96 33.06 -13.37
CA LEU A 380 -9.44 34.03 -14.35
C LEU A 380 -8.77 35.39 -14.16
N ARG A 381 -9.37 36.43 -14.74
CA ARG A 381 -8.77 37.76 -14.66
C ARG A 381 -8.76 38.34 -13.24
N PRO A 382 -9.80 38.21 -12.42
CA PRO A 382 -9.79 38.90 -11.11
C PRO A 382 -8.63 38.45 -10.23
N VAL A 383 -7.93 39.44 -9.67
CA VAL A 383 -6.83 39.30 -8.72
C VAL A 383 -5.92 38.13 -9.09
N ALA A 384 -5.55 38.04 -10.36
CA ALA A 384 -4.61 37.04 -10.84
C ALA A 384 -3.20 37.59 -11.02
N ARG A 385 -3.07 38.76 -11.66
CA ARG A 385 -1.76 39.35 -11.87
C ARG A 385 -1.21 40.02 -10.62
N GLN A 386 -2.08 40.42 -9.68
CA GLN A 386 -1.59 41.04 -8.45
C GLN A 386 -0.75 40.09 -7.61
N PRO A 387 -1.19 38.85 -7.33
CA PRO A 387 -0.29 37.95 -6.58
C PRO A 387 0.80 37.32 -7.43
N LEU A 388 0.63 37.25 -8.75
CA LEU A 388 1.66 36.64 -9.59
C LEU A 388 2.84 37.57 -9.82
N GLU A 389 2.57 38.86 -10.05
CA GLU A 389 3.67 39.79 -10.31
C GLU A 389 4.53 40.02 -9.08
N VAL A 390 3.93 39.99 -7.89
CA VAL A 390 4.72 40.20 -6.68
C VAL A 390 5.55 38.97 -6.34
N VAL A 391 5.02 37.77 -6.62
CA VAL A 391 5.77 36.56 -6.29
C VAL A 391 6.82 36.26 -7.36
N ARG A 392 6.58 36.69 -8.60
CA ARG A 392 7.55 36.44 -9.67
C ARG A 392 8.82 37.26 -9.45
N ASP A 393 8.67 38.54 -9.12
CA ASP A 393 9.81 39.39 -8.85
C ASP A 393 10.40 39.16 -7.46
N LYS A 394 9.72 38.39 -6.61
CA LYS A 394 10.26 38.07 -5.29
C LYS A 394 11.05 36.76 -5.29
N LEU A 395 10.76 35.85 -6.22
CA LEU A 395 11.53 34.61 -6.31
C LEU A 395 12.94 34.86 -6.82
N ALA A 396 13.11 35.84 -7.72
CA ALA A 396 14.42 36.17 -8.26
C ALA A 396 15.21 37.10 -7.35
N ALA A 397 14.69 37.42 -6.16
CA ALA A 397 15.38 38.34 -5.27
C ALA A 397 16.61 37.69 -4.63
N ILE A 398 16.56 36.39 -4.38
CA ILE A 398 17.65 35.69 -3.71
C ILE A 398 18.66 35.21 -4.75
N THR A 399 19.90 35.05 -4.30
CA THR A 399 20.94 34.42 -5.12
C THR A 399 21.06 32.94 -4.81
N ASP A 400 20.89 32.56 -3.54
CA ASP A 400 20.87 31.17 -3.13
C ASP A 400 19.51 30.57 -3.50
N TRP A 401 19.48 29.74 -4.53
CA TRP A 401 18.24 29.17 -5.04
C TRP A 401 17.98 27.84 -4.33
N THR A 402 17.18 27.88 -3.27
CA THR A 402 16.80 26.68 -2.54
C THR A 402 15.29 26.69 -2.32
N ALA A 403 14.74 25.49 -2.12
CA ALA A 403 13.31 25.38 -1.82
C ALA A 403 12.95 25.98 -0.48
N GLU A 404 13.91 26.05 0.45
CA GLU A 404 13.64 26.68 1.74
C GLU A 404 13.47 28.18 1.61
N ASN A 405 14.34 28.83 0.83
CA ASN A 405 14.18 30.26 0.59
C ASN A 405 12.92 30.54 -0.23
N VAL A 406 12.48 29.57 -1.05
CA VAL A 406 11.29 29.77 -1.86
C VAL A 406 10.03 29.72 -0.99
N HIS A 407 10.00 28.81 -0.01
CA HIS A 407 8.82 28.64 0.82
C HIS A 407 8.48 29.94 1.56
N HIS A 408 9.48 30.53 2.22
CA HIS A 408 9.26 31.81 2.88
C HIS A 408 9.05 32.95 1.88
N ALA A 409 9.58 32.81 0.65
CA ALA A 409 9.30 33.81 -0.37
C ALA A 409 7.85 33.72 -0.85
N ILE A 410 7.35 32.49 -1.06
CA ILE A 410 5.95 32.33 -1.37
C ILE A 410 5.09 32.61 -0.15
N GLN A 411 5.65 32.46 1.05
CA GLN A 411 4.93 32.81 2.27
C GLN A 411 4.78 34.32 2.40
N ALA A 412 5.70 35.09 1.81
CA ALA A 412 5.57 36.55 1.82
C ALA A 412 4.27 36.97 1.15
N THR A 413 4.02 36.46 -0.06
CA THR A 413 2.73 36.66 -0.70
C THR A 413 1.65 35.93 0.08
N ALA A 414 0.41 36.44 0.00
CA ALA A 414 -0.75 35.97 0.75
C ALA A 414 -0.61 36.17 2.25
N ASP A 415 0.45 36.84 2.70
CA ASP A 415 0.61 37.18 4.11
C ASP A 415 0.96 38.66 4.24
N GLU A 416 1.96 39.11 3.46
CA GLU A 416 2.19 40.54 3.34
C GLU A 416 1.06 41.22 2.58
N LEU A 417 0.52 40.56 1.57
CA LEU A 417 -0.68 41.00 0.87
C LEU A 417 -1.84 40.14 1.38
N GLU A 418 -2.77 40.76 2.11
CA GLU A 418 -3.86 40.04 2.75
C GLU A 418 -4.69 39.27 1.73
N VAL A 419 -4.52 37.95 1.69
CA VAL A 419 -5.25 37.09 0.78
C VAL A 419 -5.04 35.63 1.20
N GLY A 420 -5.87 34.74 0.67
CA GLY A 420 -5.75 33.34 1.01
C GLY A 420 -4.51 32.71 0.41
N MET A 421 -4.04 31.64 1.07
CA MET A 421 -2.86 30.93 0.57
C MET A 421 -3.15 30.25 -0.77
N GLY A 422 -4.36 29.73 -0.94
CA GLY A 422 -4.74 29.15 -2.21
C GLY A 422 -4.99 30.16 -3.31
N LYS A 423 -5.06 31.44 -2.98
CA LYS A 423 -5.27 32.49 -3.98
C LYS A 423 -4.00 32.85 -4.73
N VAL A 424 -2.83 32.41 -4.28
CA VAL A 424 -1.57 32.65 -4.95
C VAL A 424 -0.86 31.35 -5.32
N GLY A 425 -0.93 30.34 -4.44
CA GLY A 425 -0.27 29.08 -4.74
C GLY A 425 -0.92 28.34 -5.90
N MET A 426 -2.26 28.38 -5.98
CA MET A 426 -2.93 27.74 -7.11
C MET A 426 -2.65 28.45 -8.42
N PRO A 427 -2.74 29.78 -8.52
CA PRO A 427 -2.31 30.43 -9.78
C PRO A 427 -0.85 30.23 -10.07
N LEU A 428 -0.01 30.11 -9.04
CA LEU A 428 1.40 29.83 -9.26
C LEU A 428 1.61 28.40 -9.78
N ARG A 429 0.82 27.45 -9.29
CA ARG A 429 0.91 26.09 -9.76
C ARG A 429 0.54 25.99 -11.24
N VAL A 430 -0.58 26.60 -11.62
CA VAL A 430 -1.02 26.56 -13.01
C VAL A 430 -0.04 27.33 -13.89
N ALA A 431 0.67 28.32 -13.33
CA ALA A 431 1.61 29.09 -14.11
C ALA A 431 2.84 28.27 -14.50
N VAL A 432 3.47 27.62 -13.52
CA VAL A 432 4.71 26.91 -13.77
C VAL A 432 4.50 25.47 -14.22
N THR A 433 3.35 24.87 -13.91
CA THR A 433 3.08 23.49 -14.29
C THR A 433 2.08 23.35 -15.42
N GLY A 434 1.15 24.28 -15.55
CA GLY A 434 0.13 24.21 -16.58
C GLY A 434 -1.17 23.55 -16.16
N ALA A 435 -1.17 22.82 -15.06
CA ALA A 435 -2.34 22.11 -14.56
C ALA A 435 -2.52 22.42 -13.08
N GLY A 436 -3.56 21.81 -12.50
CA GLY A 436 -3.86 22.04 -11.09
C GLY A 436 -3.59 20.84 -10.22
N GLN A 437 -2.46 20.17 -10.43
CA GLN A 437 -2.09 19.01 -9.64
C GLN A 437 -0.58 18.85 -9.69
N SER A 438 0.08 18.92 -8.54
CA SER A 438 1.53 18.88 -8.46
C SER A 438 1.95 18.62 -7.01
N PRO A 439 3.23 18.36 -6.74
CA PRO A 439 3.67 18.24 -5.35
C PRO A 439 3.64 19.56 -4.59
N ALA A 440 4.56 19.74 -3.64
CA ALA A 440 4.60 20.96 -2.87
C ALA A 440 5.01 22.14 -3.75
N LEU A 441 4.36 23.28 -3.53
CA LEU A 441 4.64 24.46 -4.35
C LEU A 441 6.08 24.95 -4.17
N ASP A 442 6.57 24.94 -2.92
CA ASP A 442 7.93 25.39 -2.67
C ASP A 442 8.96 24.47 -3.30
N VAL A 443 8.61 23.19 -3.47
CA VAL A 443 9.55 22.23 -4.05
C VAL A 443 9.38 22.12 -5.56
N THR A 444 8.15 22.24 -6.07
CA THR A 444 7.92 22.14 -7.50
C THR A 444 8.59 23.29 -8.25
N VAL A 445 8.41 24.53 -7.78
CA VAL A 445 9.00 25.67 -8.45
C VAL A 445 10.49 25.80 -8.21
N HIS A 446 11.06 24.99 -7.31
CA HIS A 446 12.50 24.98 -7.13
C HIS A 446 13.20 24.03 -8.10
N ALA A 447 12.60 22.86 -8.35
CA ALA A 447 13.14 21.96 -9.37
C ALA A 447 13.13 22.63 -10.73
N ILE A 448 12.10 23.42 -11.01
CA ILE A 448 12.09 24.27 -12.20
C ILE A 448 13.03 25.44 -11.97
N GLY A 449 13.86 25.74 -12.96
CA GLY A 449 14.80 26.84 -12.81
C GLY A 449 14.09 28.17 -12.63
N LYS A 450 14.79 29.10 -11.97
CA LYS A 450 14.24 30.44 -11.77
C LYS A 450 14.00 31.17 -13.08
N THR A 451 14.70 30.79 -14.15
CA THR A 451 14.44 31.36 -15.46
C THR A 451 13.10 30.90 -16.01
N ARG A 452 12.92 29.58 -16.13
CA ARG A 452 11.65 29.04 -16.61
C ARG A 452 10.49 29.31 -15.66
N SER A 453 10.77 29.71 -14.41
CA SER A 453 9.70 30.08 -13.50
C SER A 453 9.08 31.41 -13.90
N ILE A 454 9.90 32.46 -14.01
CA ILE A 454 9.38 33.76 -14.40
C ILE A 454 8.94 33.77 -15.86
N GLU A 455 9.53 32.88 -16.68
CA GLU A 455 9.09 32.78 -18.07
C GLU A 455 7.66 32.26 -18.15
N ARG A 456 7.29 31.33 -17.27
CA ARG A 456 5.95 30.76 -17.27
C ARG A 456 4.97 31.55 -16.42
N ILE A 457 5.44 32.33 -15.45
CA ILE A 457 4.56 33.23 -14.72
C ILE A 457 4.12 34.37 -15.62
N ASN A 458 5.08 35.00 -16.31
CA ASN A 458 4.75 36.03 -17.29
C ASN A 458 3.97 35.46 -18.47
N LYS A 459 4.12 34.16 -18.76
CA LYS A 459 3.30 33.54 -19.78
C LYS A 459 1.83 33.54 -19.39
N ALA A 460 1.54 33.27 -18.12
CA ALA A 460 0.16 33.34 -17.64
C ALA A 460 -0.33 34.79 -17.56
N LEU A 461 0.58 35.73 -17.25
CA LEU A 461 0.19 37.13 -17.24
C LEU A 461 -0.21 37.61 -18.63
N ASP A 462 0.51 37.17 -19.66
CA ASP A 462 0.12 37.48 -21.04
C ASP A 462 -1.15 36.74 -21.44
N PHE A 463 -1.50 35.66 -20.75
CA PHE A 463 -2.73 34.94 -21.05
C PHE A 463 -3.94 35.56 -20.33
N ILE A 464 -3.79 35.91 -19.05
CA ILE A 464 -4.88 36.52 -18.32
C ILE A 464 -5.14 37.95 -18.80
N ALA A 465 -4.20 38.53 -19.53
CA ALA A 465 -4.39 39.86 -20.13
C ALA A 465 -5.19 39.81 -21.42
N GLU A 466 -6.20 38.94 -21.49
CA GLU A 466 -7.00 38.82 -22.70
C GLU A 466 -8.48 39.09 -22.41
N ARG A 467 -8.79 40.30 -21.97
CA ARG A 467 -10.17 40.73 -21.81
C ARG A 467 -10.72 41.39 -23.07
N GLU A 468 -9.88 41.65 -24.06
CA GLU A 468 -10.29 42.35 -25.27
C GLU A 468 -11.08 41.42 -26.20
N MET B 1 9.85 15.90 36.01
CA MET B 1 9.61 17.34 36.11
C MET B 1 8.12 17.62 36.34
N LYS B 2 7.37 16.56 36.67
CA LYS B 2 5.93 16.64 36.84
C LYS B 2 5.27 17.21 35.59
N ILE B 3 5.55 16.57 34.46
CA ILE B 3 5.07 17.06 33.17
C ILE B 3 3.56 16.91 33.10
N LYS B 4 2.88 17.96 32.63
CA LYS B 4 1.43 17.93 32.46
C LYS B 4 1.07 18.67 31.18
N THR B 5 0.50 17.95 30.22
CA THR B 5 0.00 18.53 28.99
C THR B 5 -1.51 18.70 29.07
N ARG B 6 -2.07 19.38 28.07
CA ARG B 6 -3.49 19.70 28.08
C ARG B 6 -4.05 19.66 26.67
N PHE B 7 -5.38 19.55 26.60
CA PHE B 7 -6.11 19.66 25.34
C PHE B 7 -7.44 20.32 25.64
N ALA B 8 -7.60 21.58 25.23
CA ALA B 8 -8.77 22.39 25.55
C ALA B 8 -9.44 22.84 24.26
N PRO B 9 -10.26 21.98 23.65
CA PRO B 9 -10.93 22.37 22.41
C PRO B 9 -12.15 23.23 22.65
N SER B 10 -12.39 24.14 21.72
CA SER B 10 -13.62 24.93 21.73
C SER B 10 -14.68 24.19 20.90
N PRO B 11 -15.84 23.87 21.48
CA PRO B 11 -16.84 23.07 20.75
C PRO B 11 -17.28 23.70 19.44
N THR B 12 -16.81 23.15 18.32
CA THR B 12 -17.18 23.62 16.99
C THR B 12 -18.35 22.85 16.40
N GLY B 13 -18.92 21.89 17.13
CA GLY B 13 -19.99 21.04 16.64
C GLY B 13 -19.60 19.59 16.53
N TYR B 14 -18.33 19.31 16.23
CA TYR B 14 -17.82 17.95 16.12
C TYR B 14 -16.36 17.96 16.56
N LEU B 15 -15.64 16.90 16.24
CA LEU B 15 -14.21 16.78 16.55
C LEU B 15 -13.44 16.86 15.25
N HIS B 16 -12.82 18.01 15.00
CA HIS B 16 -12.03 18.20 13.80
C HIS B 16 -10.82 17.26 13.82
N VAL B 17 -10.46 16.75 12.65
CA VAL B 17 -9.29 15.87 12.55
C VAL B 17 -8.03 16.61 13.01
N GLY B 18 -7.91 17.89 12.62
CA GLY B 18 -6.78 18.67 13.09
C GLY B 18 -6.76 18.85 14.59
N GLY B 19 -7.94 18.90 15.22
CA GLY B 19 -8.00 18.98 16.67
C GLY B 19 -7.64 17.67 17.35
N ALA B 20 -7.92 16.54 16.70
CA ALA B 20 -7.56 15.25 17.27
C ALA B 20 -6.05 15.04 17.24
N ARG B 21 -5.39 15.53 16.19
CA ARG B 21 -3.93 15.44 16.12
C ARG B 21 -3.29 16.28 17.21
N THR B 22 -3.87 17.44 17.52
CA THR B 22 -3.36 18.25 18.62
C THR B 22 -3.54 17.55 19.96
N ALA B 23 -4.69 16.91 20.16
CA ALA B 23 -4.90 16.13 21.37
C ALA B 23 -3.97 14.92 21.40
N LEU B 24 -3.59 14.41 20.23
CA LEU B 24 -2.73 13.23 20.18
C LEU B 24 -1.31 13.56 20.63
N TYR B 25 -0.80 14.72 20.24
CA TYR B 25 0.55 15.10 20.65
C TYR B 25 0.61 15.38 22.15
N SER B 26 -0.41 16.04 22.69
CA SER B 26 -0.43 16.30 24.14
C SER B 26 -0.58 15.02 24.94
N TRP B 27 -1.39 14.08 24.43
CA TRP B 27 -1.56 12.81 25.12
C TRP B 27 -0.27 11.98 25.05
N LEU B 28 0.42 12.02 23.90
CA LEU B 28 1.69 11.29 23.78
C LEU B 28 2.77 11.89 24.66
N PHE B 29 2.82 13.22 24.75
CA PHE B 29 3.86 13.86 25.55
C PHE B 29 3.67 13.58 27.03
N ALA B 30 2.42 13.48 27.49
CA ALA B 30 2.17 13.18 28.89
C ALA B 30 2.48 11.72 29.20
N ARG B 31 2.18 10.82 28.26
CA ARG B 31 2.45 9.40 28.49
C ARG B 31 3.92 9.06 28.30
N ASN B 32 4.63 9.83 27.47
CA ASN B 32 6.06 9.58 27.26
C ASN B 32 6.85 9.87 28.53
N HIS B 33 6.55 10.98 29.21
CA HIS B 33 7.30 11.40 30.38
C HIS B 33 6.57 11.08 31.68
N GLY B 34 5.65 10.12 31.67
CA GLY B 34 4.97 9.71 32.88
C GLY B 34 4.14 10.80 33.53
N GLY B 35 3.53 11.66 32.73
CA GLY B 35 2.75 12.76 33.25
C GLY B 35 1.25 12.52 33.14
N GLU B 36 0.50 13.60 33.36
CA GLU B 36 -0.96 13.57 33.32
C GLU B 36 -1.47 14.35 32.12
N PHE B 37 -2.53 13.84 31.50
CA PHE B 37 -3.19 14.49 30.37
C PHE B 37 -4.54 14.99 30.84
N VAL B 38 -4.71 16.30 30.87
CA VAL B 38 -5.94 16.91 31.36
C VAL B 38 -6.80 17.31 30.18
N LEU B 39 -8.11 17.41 30.43
CA LEU B 39 -9.08 17.79 29.41
C LEU B 39 -9.88 19.00 29.89
N ARG B 40 -10.01 20.00 29.02
CA ARG B 40 -10.73 21.21 29.34
C ARG B 40 -11.64 21.57 28.17
N ILE B 41 -12.72 22.29 28.48
CA ILE B 41 -13.73 22.66 27.49
C ILE B 41 -13.86 24.18 27.47
N GLU B 42 -13.77 24.76 26.28
CA GLU B 42 -13.96 26.20 26.08
C GLU B 42 -15.40 26.49 25.63
N ASP B 43 -16.34 26.10 26.50
CA ASP B 43 -17.76 26.19 26.17
C ASP B 43 -18.34 27.56 26.52
N THR B 44 -17.52 28.62 26.39
CA THR B 44 -18.04 29.97 26.62
C THR B 44 -18.93 30.43 25.49
N ASP B 45 -18.62 30.03 24.25
CA ASP B 45 -19.48 30.34 23.12
C ASP B 45 -20.76 29.52 23.22
N LEU B 46 -21.75 30.06 23.94
CA LEU B 46 -22.97 29.30 24.26
C LEU B 46 -23.79 28.95 23.02
N GLU B 47 -23.53 29.56 21.88
CA GLU B 47 -24.33 29.30 20.69
C GLU B 47 -23.95 27.95 20.06
N ARG B 48 -22.65 27.69 19.91
CA ARG B 48 -22.18 26.45 19.30
C ARG B 48 -21.72 25.43 20.34
N SER B 49 -21.82 25.75 21.63
CA SER B 49 -21.49 24.78 22.68
C SER B 49 -22.71 23.96 23.07
N THR B 50 -23.39 23.41 22.07
CA THR B 50 -24.58 22.62 22.30
C THR B 50 -24.22 21.35 23.07
N PRO B 51 -25.12 20.87 23.94
CA PRO B 51 -24.89 19.56 24.57
C PRO B 51 -24.61 18.45 23.58
N GLU B 52 -25.17 18.51 22.37
CA GLU B 52 -24.81 17.55 21.33
C GLU B 52 -23.43 17.86 20.76
N ALA B 53 -23.05 19.14 20.71
CA ALA B 53 -21.74 19.51 20.18
C ALA B 53 -20.61 19.18 21.16
N ILE B 54 -20.87 19.25 22.46
CA ILE B 54 -19.82 18.94 23.43
C ILE B 54 -19.71 17.43 23.62
N GLU B 55 -20.78 16.68 23.39
CA GLU B 55 -20.71 15.23 23.51
C GLU B 55 -19.91 14.63 22.36
N ALA B 56 -20.02 15.22 21.16
CA ALA B 56 -19.27 14.72 20.02
C ALA B 56 -17.76 14.79 20.26
N ILE B 57 -17.32 15.69 21.13
CA ILE B 57 -15.92 15.74 21.50
C ILE B 57 -15.59 14.61 22.47
N MET B 58 -16.49 14.33 23.41
CA MET B 58 -16.21 13.34 24.45
C MET B 58 -16.13 11.94 23.88
N ASP B 59 -17.13 11.53 23.10
CA ASP B 59 -17.12 10.20 22.50
C ASP B 59 -16.10 10.07 21.37
N GLY B 60 -15.74 11.20 20.73
CA GLY B 60 -14.67 11.14 19.74
C GLY B 60 -13.32 10.85 20.37
N MET B 61 -13.07 11.41 21.55
CA MET B 61 -11.85 11.08 22.29
C MET B 61 -11.88 9.62 22.76
N ASN B 62 -13.05 9.13 23.17
CA ASN B 62 -13.15 7.75 23.63
C ASN B 62 -13.02 6.77 22.47
N TRP B 63 -13.43 7.16 21.27
CA TRP B 63 -13.27 6.27 20.12
C TRP B 63 -11.81 6.08 19.77
N LEU B 64 -11.01 7.15 19.82
CA LEU B 64 -9.58 7.06 19.63
C LEU B 64 -8.86 6.55 20.87
N SER B 65 -9.58 6.30 21.96
CA SER B 65 -9.02 5.80 23.21
C SER B 65 -7.96 6.76 23.77
N LEU B 66 -8.32 8.04 23.81
CA LEU B 66 -7.46 9.07 24.38
C LEU B 66 -7.99 9.45 25.77
N GLU B 67 -7.79 8.54 26.71
CA GLU B 67 -8.25 8.78 28.07
C GLU B 67 -7.43 9.88 28.73
N TRP B 68 -8.06 10.58 29.66
CA TRP B 68 -7.45 11.71 30.34
C TRP B 68 -7.33 11.43 31.83
N ASP B 69 -6.29 12.01 32.44
CA ASP B 69 -6.06 11.82 33.87
C ASP B 69 -6.92 12.78 34.70
N GLU B 70 -7.09 14.01 34.24
CA GLU B 70 -7.92 14.99 34.90
C GLU B 70 -8.98 15.52 33.93
N GLY B 71 -10.05 16.05 34.49
CA GLY B 71 -11.10 16.63 33.71
C GLY B 71 -12.31 15.69 33.56
N PRO B 72 -13.26 16.06 32.71
CA PRO B 72 -13.23 17.29 31.91
C PRO B 72 -13.69 18.53 32.69
N TYR B 73 -12.94 19.62 32.58
CA TYR B 73 -13.31 20.89 33.19
C TYR B 73 -13.99 21.78 32.16
N TYR B 74 -14.94 22.59 32.62
CA TYR B 74 -15.76 23.41 31.76
C TYR B 74 -15.58 24.88 32.14
N GLN B 75 -15.35 25.73 31.13
CA GLN B 75 -15.20 27.16 31.38
C GLN B 75 -16.51 27.81 31.76
N THR B 76 -17.65 27.18 31.48
CA THR B 76 -18.93 27.67 32.00
C THR B 76 -18.91 27.66 33.52
N LYS B 77 -18.34 26.62 34.12
CA LYS B 77 -18.12 26.60 35.56
C LYS B 77 -16.90 27.45 35.91
N ARG B 78 -16.55 27.46 37.19
CA ARG B 78 -15.40 28.21 37.72
C ARG B 78 -15.50 29.70 37.41
N PHE B 79 -16.70 30.23 37.18
CA PHE B 79 -16.85 31.66 36.95
C PHE B 79 -16.54 32.45 38.22
N ASP B 80 -16.90 31.89 39.38
CA ASP B 80 -16.52 32.53 40.64
C ASP B 80 -15.01 32.47 40.84
N ARG B 81 -14.35 31.43 40.33
CA ARG B 81 -12.89 31.38 40.37
C ARG B 81 -12.28 32.45 39.47
N TYR B 82 -12.87 32.68 38.29
CA TYR B 82 -12.36 33.72 37.41
C TYR B 82 -12.57 35.11 38.01
N ASN B 83 -13.66 35.30 38.73
CA ASN B 83 -13.92 36.59 39.37
C ASN B 83 -13.14 36.77 40.67
N ALA B 84 -12.63 35.68 41.25
CA ALA B 84 -11.86 35.79 42.49
C ALA B 84 -10.41 36.16 42.25
N VAL B 85 -9.85 35.76 41.10
CA VAL B 85 -8.46 36.07 40.81
C VAL B 85 -8.30 37.51 40.33
N ILE B 86 -9.25 38.00 39.54
CA ILE B 86 -9.18 39.38 39.07
C ILE B 86 -9.36 40.34 40.23
N ASP B 87 -10.21 40.00 41.19
CA ASP B 87 -10.37 40.84 42.38
C ASP B 87 -9.10 40.84 43.22
N GLN B 88 -8.43 39.69 43.31
CA GLN B 88 -7.12 39.66 43.96
C GLN B 88 -6.08 40.41 43.14
N MET B 89 -6.16 40.31 41.81
CA MET B 89 -5.21 41.01 40.96
C MET B 89 -5.48 42.50 40.93
N LEU B 90 -6.74 42.91 41.11
CA LEU B 90 -7.05 44.33 41.25
C LEU B 90 -6.48 44.90 42.53
N GLU B 91 -6.37 44.07 43.58
CA GLU B 91 -5.75 44.54 44.82
C GLU B 91 -4.27 44.83 44.63
N GLU B 92 -3.60 44.08 43.77
CA GLU B 92 -2.21 44.34 43.42
C GLU B 92 -2.14 45.35 42.28
N GLY B 93 -0.93 45.82 42.02
CA GLY B 93 -0.69 46.82 41.00
C GLY B 93 -0.57 46.29 39.59
N THR B 94 -0.86 45.01 39.35
CA THR B 94 -0.75 44.42 38.03
C THR B 94 -2.03 44.52 37.22
N ALA B 95 -3.16 44.84 37.84
CA ALA B 95 -4.43 44.94 37.13
C ALA B 95 -5.22 46.12 37.68
N TYR B 96 -5.66 47.00 36.79
CA TYR B 96 -6.49 48.15 37.14
C TYR B 96 -7.88 47.98 36.54
N LYS B 97 -8.71 48.99 36.75
CA LYS B 97 -10.11 48.98 36.32
C LYS B 97 -10.32 50.13 35.36
N CYS B 98 -10.47 49.80 34.08
CA CYS B 98 -10.72 50.84 33.07
C CYS B 98 -12.15 51.35 33.17
N TYR B 99 -12.34 52.59 32.72
CA TYR B 99 -13.64 53.25 32.82
C TYR B 99 -14.05 53.97 31.54
N CYS B 100 -13.26 53.91 30.48
CA CYS B 100 -13.60 54.60 29.25
C CYS B 100 -14.83 53.96 28.60
N SER B 101 -15.72 54.81 28.09
CA SER B 101 -16.92 54.32 27.44
C SER B 101 -16.59 53.73 26.06
N LYS B 102 -17.59 53.07 25.47
CA LYS B 102 -17.42 52.52 24.13
C LYS B 102 -17.29 53.59 23.07
N GLU B 103 -17.73 54.81 23.37
CA GLU B 103 -17.59 55.91 22.40
C GLU B 103 -16.15 56.40 22.32
N ARG B 104 -15.46 56.46 23.47
CA ARG B 104 -14.07 56.90 23.47
C ARG B 104 -13.15 55.88 22.81
N LEU B 105 -13.48 54.59 22.94
CA LEU B 105 -12.64 53.56 22.35
C LEU B 105 -12.71 53.58 20.82
N GLU B 106 -13.91 53.73 20.27
CA GLU B 106 -14.04 53.79 18.81
C GLU B 106 -13.44 55.09 18.27
N ALA B 107 -13.63 56.20 19.00
CA ALA B 107 -13.05 57.46 18.57
C ALA B 107 -11.52 57.43 18.67
N LEU B 108 -10.98 56.67 19.63
CA LEU B 108 -9.54 56.56 19.75
C LEU B 108 -8.98 55.58 18.73
N ARG B 109 -9.69 54.48 18.47
CA ARG B 109 -9.22 53.51 17.48
C ARG B 109 -9.22 54.11 16.08
N GLU B 110 -10.28 54.86 15.74
CA GLU B 110 -10.32 55.53 14.44
C GLU B 110 -9.29 56.66 14.37
N GLU B 111 -8.96 57.27 15.51
CA GLU B 111 -7.88 58.25 15.54
C GLU B 111 -6.52 57.57 15.46
N GLN B 112 -6.38 56.42 16.12
CA GLN B 112 -5.11 55.70 16.06
C GLN B 112 -4.88 55.08 14.69
N MET B 113 -5.96 54.67 14.01
CA MET B 113 -5.84 54.20 12.63
C MET B 113 -5.55 55.35 11.69
N ALA B 114 -5.96 56.56 12.03
CA ALA B 114 -5.69 57.72 11.19
C ALA B 114 -4.26 58.21 11.35
N LYS B 115 -3.69 58.12 12.55
CA LYS B 115 -2.32 58.53 12.81
C LYS B 115 -1.35 57.45 12.32
N GLY B 116 -0.08 57.60 12.65
CA GLY B 116 0.93 56.63 12.26
C GLY B 116 0.95 55.39 13.14
N LYS B 118 -0.78 51.71 15.12
CA LYS B 118 -1.54 50.47 15.32
C LYS B 118 -2.52 50.60 16.47
N PRO B 119 -3.74 50.09 16.28
CA PRO B 119 -4.77 50.19 17.33
C PRO B 119 -4.36 49.53 18.62
N ARG B 120 -3.83 50.34 19.54
CA ARG B 120 -3.35 49.87 20.85
C ARG B 120 -3.93 50.78 21.92
N TYR B 121 -4.62 50.19 22.90
CA TYR B 121 -5.26 50.98 23.93
C TYR B 121 -4.23 51.70 24.79
N ASP B 122 -4.39 53.01 24.92
CA ASP B 122 -3.48 53.83 25.71
C ASP B 122 -3.77 53.67 27.19
N GLY B 123 -2.73 53.84 28.01
CA GLY B 123 -2.87 53.71 29.45
C GLY B 123 -3.48 54.93 30.10
N ARG B 124 -4.71 55.28 29.68
CA ARG B 124 -5.38 56.44 30.27
C ARG B 124 -5.84 56.14 31.69
N CYS B 125 -6.27 54.91 31.95
CA CYS B 125 -6.73 54.48 33.27
C CYS B 125 -5.69 53.67 34.02
N ARG B 126 -4.43 53.66 33.54
CA ARG B 126 -3.41 52.81 34.14
C ARG B 126 -3.02 53.29 35.52
N HIS B 127 -2.85 54.60 35.70
CA HIS B 127 -2.42 55.17 36.97
C HIS B 127 -3.27 56.37 37.34
N SER B 128 -4.59 56.25 37.18
CA SER B 128 -5.52 57.31 37.54
C SER B 128 -5.94 57.16 38.99
N HIS B 129 -5.78 58.23 39.78
CA HIS B 129 -6.13 58.21 41.18
C HIS B 129 -7.60 58.50 41.43
N GLU B 130 -8.37 58.85 40.40
CA GLU B 130 -9.79 59.12 40.57
C GLU B 130 -10.57 57.81 40.54
N HIS B 131 -11.51 57.67 41.48
CA HIS B 131 -12.33 56.46 41.53
C HIS B 131 -13.21 56.32 40.30
N HIS B 132 -13.54 57.45 39.65
CA HIS B 132 -14.34 57.50 38.43
C HIS B 132 -15.78 57.03 38.67
N ALA B 133 -15.96 55.98 39.46
CA ALA B 133 -17.29 55.48 39.77
C ALA B 133 -17.25 54.71 41.08
N ASP B 134 -18.40 54.17 41.46
CA ASP B 134 -18.51 53.30 42.62
C ASP B 134 -19.01 51.92 42.25
N ASP B 135 -20.15 51.85 41.55
CA ASP B 135 -20.64 50.58 41.02
C ASP B 135 -21.12 50.72 39.58
N GLU B 136 -20.83 51.84 38.91
CA GLU B 136 -21.24 52.04 37.54
C GLU B 136 -20.53 51.04 36.62
N PRO B 137 -21.10 50.76 35.44
CA PRO B 137 -20.47 49.80 34.54
C PRO B 137 -19.08 50.24 34.12
N CYS B 138 -18.19 49.26 33.97
CA CYS B 138 -16.80 49.51 33.64
C CYS B 138 -16.19 48.24 33.05
N VAL B 139 -14.87 48.23 32.89
CA VAL B 139 -14.16 47.11 32.31
C VAL B 139 -12.81 46.97 33.03
N VAL B 140 -12.49 45.76 33.46
CA VAL B 140 -11.21 45.49 34.12
C VAL B 140 -10.19 45.08 33.08
N ARG B 141 -8.98 45.63 33.18
CA ARG B 141 -7.90 45.33 32.26
C ARG B 141 -6.67 44.89 33.02
N PHE B 142 -5.65 44.48 32.27
CA PHE B 142 -4.39 44.01 32.84
C PHE B 142 -3.26 44.93 32.39
N ALA B 143 -2.44 45.36 33.33
CA ALA B 143 -1.33 46.27 33.06
C ALA B 143 -0.22 45.50 32.36
N ASN B 144 -0.12 45.67 31.04
CA ASN B 144 0.92 45.01 30.27
C ASN B 144 2.28 45.69 30.50
N PRO B 145 3.36 44.92 30.61
CA PRO B 145 4.68 45.53 30.71
C PRO B 145 5.04 46.25 29.41
N GLN B 146 5.67 47.42 29.56
CA GLN B 146 5.99 48.25 28.41
C GLN B 146 7.45 48.17 27.99
N GLU B 147 8.35 47.77 28.89
CA GLU B 147 9.78 47.74 28.60
C GLU B 147 10.23 46.32 28.31
N GLY B 148 11.14 46.18 27.34
CA GLY B 148 11.69 44.89 26.99
C GLY B 148 10.91 44.19 25.89
N SER B 149 11.03 42.86 25.90
CA SER B 149 10.33 42.01 24.94
C SER B 149 9.88 40.75 25.66
N VAL B 150 9.11 39.93 24.95
CA VAL B 150 8.70 38.61 25.44
C VAL B 150 9.23 37.57 24.46
N VAL B 151 9.94 36.57 24.98
CA VAL B 151 10.54 35.51 24.18
C VAL B 151 10.11 34.17 24.75
N PHE B 152 9.56 33.31 23.90
CA PHE B 152 9.17 31.96 24.29
C PHE B 152 9.74 30.98 23.28
N ASP B 153 10.45 29.97 23.76
CA ASP B 153 11.10 28.99 22.90
C ASP B 153 10.06 27.98 22.44
N ASP B 154 9.49 28.21 21.25
CA ASP B 154 8.55 27.24 20.69
C ASP B 154 9.30 26.01 20.20
N GLN B 155 8.86 24.84 20.65
CA GLN B 155 9.56 23.60 20.32
C GLN B 155 9.42 23.21 18.86
N ILE B 156 8.48 23.82 18.14
CA ILE B 156 8.22 23.47 16.75
C ILE B 156 8.61 24.61 15.80
N ARG B 157 8.28 25.85 16.17
CA ARG B 157 8.55 27.00 15.32
C ARG B 157 9.83 27.75 15.69
N GLY B 158 10.56 27.26 16.68
CA GLY B 158 11.80 27.88 17.09
C GLY B 158 11.59 29.01 18.06
N PRO B 159 12.52 29.97 18.09
CA PRO B 159 12.39 31.11 18.99
C PRO B 159 11.58 32.24 18.38
N ILE B 160 10.51 32.66 19.06
CA ILE B 160 9.64 33.72 18.61
C ILE B 160 9.70 34.86 19.61
N GLU B 161 9.74 36.10 19.11
CA GLU B 161 9.87 37.28 19.95
C GLU B 161 8.81 38.30 19.58
N PHE B 162 8.16 38.86 20.59
CA PHE B 162 7.20 39.95 20.43
C PHE B 162 7.64 41.12 21.29
N SER B 163 7.68 42.31 20.70
CA SER B 163 8.03 43.49 21.48
C SER B 163 6.86 43.90 22.37
N ASN B 164 7.17 44.24 23.62
CA ASN B 164 6.13 44.58 24.58
C ASN B 164 5.35 45.83 24.17
N GLN B 165 5.91 46.66 23.29
CA GLN B 165 5.20 47.84 22.81
C GLN B 165 4.07 47.48 21.86
N GLU B 166 4.02 46.25 21.35
CA GLU B 166 2.92 45.80 20.51
C GLU B 166 1.78 45.18 21.29
N LEU B 167 2.01 44.80 22.55
CA LEU B 167 0.96 44.21 23.39
C LEU B 167 0.30 45.31 24.22
N ASP B 168 -0.98 45.51 23.99
CA ASP B 168 -1.75 46.53 24.71
C ASP B 168 -2.37 45.94 25.98
N ASP B 169 -2.79 46.82 26.87
CA ASP B 169 -3.48 46.41 28.08
C ASP B 169 -4.84 45.81 27.72
N LEU B 170 -4.85 44.51 27.39
CA LEU B 170 -6.04 43.88 26.88
C LEU B 170 -7.13 43.77 27.95
N ILE B 171 -8.37 43.65 27.49
CA ILE B 171 -9.51 43.52 28.39
C ILE B 171 -9.52 42.12 28.98
N ILE B 172 -9.70 42.03 30.30
CA ILE B 172 -9.82 40.76 31.00
C ILE B 172 -11.18 40.58 31.65
N ARG B 173 -12.07 41.55 31.52
CA ARG B 173 -13.41 41.45 32.09
C ARG B 173 -14.32 42.43 31.36
N ARG B 174 -15.41 41.93 30.79
CA ARG B 174 -16.33 42.77 30.05
C ARG B 174 -17.18 43.60 31.01
N THR B 175 -18.11 44.37 30.44
CA THR B 175 -18.96 45.23 31.26
C THR B 175 -19.92 44.41 32.12
N ASP B 176 -20.38 43.27 31.63
CA ASP B 176 -21.29 42.40 32.37
C ASP B 176 -20.58 41.46 33.33
N GLY B 177 -19.33 41.76 33.69
CA GLY B 177 -18.60 40.96 34.64
C GLY B 177 -17.99 39.68 34.09
N SER B 178 -18.41 39.24 32.91
CA SER B 178 -17.87 38.02 32.34
C SER B 178 -16.42 38.25 31.89
N PRO B 179 -15.52 37.31 32.13
CA PRO B 179 -14.12 37.48 31.74
C PRO B 179 -13.87 37.04 30.30
N THR B 180 -12.77 37.54 29.76
CA THR B 180 -12.42 37.27 28.38
C THR B 180 -11.75 35.91 28.25
N TYR B 181 -11.55 35.48 26.99
CA TYR B 181 -11.02 34.15 26.73
C TYR B 181 -9.54 34.05 27.12
N ASN B 182 -8.75 35.08 26.78
CA ASN B 182 -7.31 35.02 27.02
C ASN B 182 -6.98 34.89 28.50
N PHE B 183 -7.82 35.45 29.37
CA PHE B 183 -7.58 35.33 30.80
C PHE B 183 -8.03 33.98 31.34
N CYS B 184 -9.08 33.40 30.76
CA CYS B 184 -9.55 32.09 31.23
C CYS B 184 -8.52 30.99 30.97
N VAL B 185 -7.74 31.12 29.90
CA VAL B 185 -6.72 30.12 29.61
C VAL B 185 -5.59 30.19 30.63
N VAL B 186 -5.21 31.41 31.03
CA VAL B 186 -4.08 31.59 31.93
C VAL B 186 -4.39 31.02 33.31
N VAL B 187 -5.57 31.35 33.85
CA VAL B 187 -5.92 30.88 35.19
C VAL B 187 -6.11 29.37 35.22
N ASP B 188 -6.62 28.79 34.13
CA ASP B 188 -6.81 27.35 34.08
C ASP B 188 -5.47 26.62 34.03
N ASP B 189 -4.57 27.05 33.15
CA ASP B 189 -3.28 26.40 33.04
C ASP B 189 -2.40 26.61 34.27
N TRP B 190 -2.74 27.58 35.13
CA TRP B 190 -1.99 27.82 36.34
C TRP B 190 -2.48 26.97 37.51
N ASP B 191 -3.79 26.86 37.68
CA ASP B 191 -4.34 26.00 38.74
C ASP B 191 -4.15 24.53 38.44
N MET B 192 -4.17 24.16 37.16
CA MET B 192 -3.98 22.78 36.75
C MET B 192 -2.51 22.38 36.61
N GLU B 193 -1.60 23.34 36.78
CA GLU B 193 -0.15 23.09 36.77
C GLU B 193 0.29 22.47 35.44
N ILE B 194 -0.01 23.18 34.36
CA ILE B 194 0.36 22.74 33.03
C ILE B 194 1.80 23.16 32.75
N THR B 195 2.63 22.18 32.38
CA THR B 195 4.05 22.43 32.11
C THR B 195 4.36 22.59 30.64
N HIS B 196 3.61 21.92 29.76
CA HIS B 196 3.83 21.99 28.32
C HIS B 196 2.49 22.25 27.62
N VAL B 197 2.45 23.27 26.78
CA VAL B 197 1.26 23.65 26.05
C VAL B 197 1.47 23.30 24.58
N ILE B 198 0.60 22.45 24.05
CA ILE B 198 0.63 22.05 22.65
C ILE B 198 -0.75 22.36 22.06
N ARG B 199 -0.82 23.41 21.24
CA ARG B 199 -2.08 23.84 20.66
C ARG B 199 -1.85 24.18 19.19
N GLY B 200 -2.89 24.72 18.56
CA GLY B 200 -2.83 25.02 17.14
C GLY B 200 -1.90 26.18 16.81
N GLU B 201 -1.82 26.48 15.52
CA GLU B 201 -0.91 27.53 15.04
C GLU B 201 -1.50 28.92 15.22
N ASP B 202 -2.83 29.05 15.17
CA ASP B 202 -3.46 30.36 15.27
C ASP B 202 -3.38 30.97 16.65
N HIS B 203 -2.92 30.22 17.65
CA HIS B 203 -2.76 30.74 19.00
C HIS B 203 -1.36 31.26 19.28
N ILE B 204 -0.54 31.43 18.24
CA ILE B 204 0.81 31.96 18.44
C ILE B 204 0.77 33.43 18.80
N ASN B 205 -0.26 34.16 18.34
CA ASN B 205 -0.37 35.58 18.66
C ASN B 205 -0.87 35.80 20.08
N ASN B 206 -1.66 34.86 20.62
CA ASN B 206 -2.14 34.95 21.99
C ASN B 206 -1.13 34.46 23.01
N THR B 207 -0.08 33.76 22.58
CA THR B 207 0.92 33.27 23.51
C THR B 207 1.65 34.38 24.26
N PRO B 208 2.16 35.44 23.61
CA PRO B 208 2.85 36.49 24.38
C PRO B 208 1.93 37.20 25.36
N ARG B 209 0.64 37.32 25.06
CA ARG B 209 -0.28 37.94 25.99
C ARG B 209 -0.53 37.05 27.21
N GLN B 210 -0.59 35.74 27.00
CA GLN B 210 -0.81 34.83 28.11
C GLN B 210 0.44 34.71 29.00
N ILE B 211 1.62 34.97 28.45
CA ILE B 211 2.84 34.84 29.22
C ILE B 211 3.05 36.06 30.11
N ASN B 212 2.74 37.25 29.61
CA ASN B 212 2.89 38.46 30.43
C ASN B 212 1.99 38.41 31.66
N ILE B 213 0.84 37.75 31.56
CA ILE B 213 0.02 37.52 32.75
C ILE B 213 0.67 36.45 33.63
N LEU B 214 1.26 35.43 33.01
CA LEU B 214 1.96 34.40 33.78
C LEU B 214 3.24 34.94 34.40
N LYS B 215 3.93 35.84 33.70
CA LYS B 215 5.06 36.53 34.30
C LYS B 215 4.62 37.38 35.48
N ALA B 216 3.40 37.92 35.42
CA ALA B 216 2.79 38.59 36.55
C ALA B 216 2.21 37.56 37.51
N LEU B 217 1.68 38.04 38.64
CA LEU B 217 1.08 37.22 39.70
C LEU B 217 1.94 36.02 40.11
N LYS B 218 3.23 36.05 39.75
CA LYS B 218 4.18 34.99 40.11
C LYS B 218 3.68 33.60 39.72
N ALA B 219 3.85 33.23 38.45
CA ALA B 219 3.38 31.96 37.95
C ALA B 219 4.44 31.29 37.09
N PRO B 220 4.56 29.96 37.18
CA PRO B 220 5.52 29.25 36.32
C PRO B 220 5.09 29.32 34.86
N VAL B 221 5.99 29.80 34.02
CA VAL B 221 5.73 29.93 32.58
C VAL B 221 6.00 28.59 31.90
N PRO B 222 5.02 28.02 31.21
CA PRO B 222 5.23 26.73 30.56
C PRO B 222 5.90 26.87 29.20
N VAL B 223 6.37 25.74 28.69
CA VAL B 223 6.99 25.68 27.37
C VAL B 223 5.90 25.47 26.33
N TYR B 224 5.90 26.30 25.29
CA TYR B 224 4.87 26.27 24.27
C TYR B 224 5.38 25.58 23.00
N ALA B 225 4.46 24.97 22.28
CA ALA B 225 4.80 24.28 21.02
C ALA B 225 3.52 24.27 20.17
N HIS B 226 3.50 25.12 19.15
CA HIS B 226 2.33 25.27 18.28
C HIS B 226 2.53 24.45 17.02
N VAL B 227 1.64 23.48 16.81
CA VAL B 227 1.69 22.65 15.61
C VAL B 227 1.16 23.44 14.42
N SER B 228 1.60 23.06 13.23
CA SER B 228 1.17 23.74 12.02
C SER B 228 -0.21 23.22 11.59
N MET B 229 -0.92 24.07 10.86
CA MET B 229 -2.26 23.72 10.39
C MET B 229 -2.19 22.56 9.38
N ILE B 230 -3.28 21.83 9.29
CA ILE B 230 -3.41 20.72 8.34
C ILE B 230 -4.06 21.26 7.07
N ASN B 231 -3.28 21.35 6.00
CA ASN B 231 -3.78 21.85 4.74
C ASN B 231 -4.40 20.73 3.91
N GLY B 232 -5.24 21.11 2.96
CA GLY B 232 -5.94 20.18 2.09
C GLY B 232 -5.16 19.85 0.84
N ASP B 233 -5.90 19.62 -0.25
CA ASP B 233 -5.28 19.23 -1.50
C ASP B 233 -4.67 20.43 -2.24
N ASP B 234 -5.31 21.59 -2.15
CA ASP B 234 -4.86 22.78 -2.85
C ASP B 234 -4.00 23.70 -1.99
N GLY B 235 -3.70 23.31 -0.76
CA GLY B 235 -2.89 24.11 0.14
C GLY B 235 -3.66 24.96 1.12
N GLU B 236 -4.98 24.97 1.04
CA GLU B 236 -5.82 25.70 1.98
C GLU B 236 -6.15 24.82 3.18
N LYS B 237 -6.66 25.45 4.24
CA LYS B 237 -7.01 24.73 5.46
C LYS B 237 -8.01 23.61 5.16
N LEU B 238 -8.00 22.60 6.03
CA LEU B 238 -8.89 21.46 5.85
C LEU B 238 -10.35 21.88 6.04
N SER B 239 -11.18 21.55 5.07
CA SER B 239 -12.61 21.85 5.12
C SER B 239 -13.37 20.68 4.52
N LYS B 240 -14.71 20.75 4.62
CA LYS B 240 -15.55 19.66 4.17
C LYS B 240 -15.45 19.42 2.66
N ARG B 241 -14.98 20.42 1.90
CA ARG B 241 -14.85 20.23 0.46
C ARG B 241 -13.69 19.31 0.10
N HIS B 242 -12.73 19.12 1.00
CA HIS B 242 -11.64 18.19 0.74
C HIS B 242 -12.04 16.74 0.97
N GLY B 243 -12.95 16.50 1.89
CA GLY B 243 -13.41 15.16 2.21
C GLY B 243 -13.91 15.11 3.64
N ALA B 244 -13.70 13.96 4.28
CA ALA B 244 -14.09 13.80 5.67
C ALA B 244 -13.25 14.69 6.58
N VAL B 245 -13.91 15.34 7.54
CA VAL B 245 -13.26 16.26 8.45
C VAL B 245 -13.45 15.87 9.91
N SER B 246 -14.64 15.39 10.26
CA SER B 246 -14.90 14.95 11.61
C SER B 246 -14.34 13.55 11.83
N VAL B 247 -13.88 13.30 13.06
CA VAL B 247 -13.33 11.99 13.39
C VAL B 247 -14.40 10.92 13.27
N MET B 248 -15.62 11.22 13.67
CA MET B 248 -16.71 10.26 13.59
C MET B 248 -17.14 10.00 12.14
N GLN B 249 -16.83 10.92 11.22
CA GLN B 249 -17.12 10.67 9.81
C GLN B 249 -16.26 9.54 9.26
N TYR B 250 -15.08 9.32 9.85
CA TYR B 250 -14.23 8.23 9.41
C TYR B 250 -14.70 6.89 9.96
N ARG B 251 -15.35 6.89 11.12
CA ARG B 251 -15.99 5.66 11.60
C ARG B 251 -17.20 5.33 10.72
N ASP B 252 -17.94 6.35 10.29
CA ASP B 252 -19.04 6.12 9.35
C ASP B 252 -18.53 5.60 8.01
N ASP B 253 -17.39 6.10 7.56
CA ASP B 253 -16.80 5.66 6.30
C ASP B 253 -16.06 4.32 6.43
N GLY B 254 -15.97 3.76 7.63
CA GLY B 254 -15.44 2.42 7.80
C GLY B 254 -13.96 2.35 8.13
N TYR B 255 -13.49 3.21 9.03
CA TYR B 255 -12.11 3.22 9.45
C TYR B 255 -11.98 2.75 10.90
N LEU B 256 -10.76 2.39 11.27
CA LEU B 256 -10.38 1.97 12.61
C LEU B 256 -9.69 3.10 13.35
N PRO B 257 -9.82 3.14 14.68
CA PRO B 257 -9.09 4.16 15.45
C PRO B 257 -7.58 4.04 15.31
N GLU B 258 -7.06 2.83 15.16
CA GLU B 258 -5.62 2.65 15.02
C GLU B 258 -5.11 3.22 13.70
N ALA B 259 -5.92 3.10 12.64
CA ALA B 259 -5.50 3.60 11.34
C ALA B 259 -5.48 5.12 11.30
N LEU B 260 -6.46 5.76 11.94
CA LEU B 260 -6.54 7.22 11.91
C LEU B 260 -5.47 7.85 12.79
N LEU B 261 -5.22 7.29 13.97
CA LEU B 261 -4.20 7.84 14.85
C LEU B 261 -2.81 7.68 14.24
N ASN B 262 -2.55 6.56 13.59
CA ASN B 262 -1.23 6.35 12.98
C ASN B 262 -0.98 7.33 11.85
N TYR B 263 -2.02 7.71 11.11
CA TYR B 263 -1.83 8.64 10.00
C TYR B 263 -1.67 10.07 10.48
N LEU B 264 -2.46 10.48 11.48
CA LEU B 264 -2.31 11.83 12.01
C LEU B 264 -0.95 12.03 12.67
N VAL B 265 -0.40 10.98 13.26
CA VAL B 265 0.93 11.07 13.86
C VAL B 265 1.99 11.33 12.78
N ARG B 266 1.86 10.67 11.63
CA ARG B 266 2.82 10.86 10.54
C ARG B 266 2.72 12.25 9.91
N LEU B 267 1.59 12.95 10.10
CA LEU B 267 1.43 14.29 9.55
C LEU B 267 2.30 15.26 10.34
N GLY B 268 3.44 15.64 9.75
CA GLY B 268 4.36 16.54 10.42
C GLY B 268 5.48 15.80 11.14
N TRP B 269 5.12 15.05 12.18
CA TRP B 269 6.10 14.27 12.92
C TRP B 269 6.58 13.10 12.06
N SER B 270 7.90 13.05 11.83
CA SER B 270 8.50 12.04 10.98
C SER B 270 9.62 11.33 11.75
N HIS B 271 9.61 10.00 11.70
CA HIS B 271 10.58 9.16 12.41
C HIS B 271 11.14 8.13 11.41
N GLY B 272 12.11 8.56 10.61
CA GLY B 272 12.77 7.67 9.67
C GLY B 272 11.81 7.14 8.62
N ASP B 273 12.14 5.96 8.10
CA ASP B 273 11.33 5.30 7.09
C ASP B 273 10.07 4.65 7.66
N GLN B 274 9.98 4.50 8.97
CA GLN B 274 8.87 3.78 9.57
C GLN B 274 7.56 4.54 9.37
N GLU B 275 6.51 3.80 9.06
CA GLU B 275 5.18 4.37 8.83
C GLU B 275 4.11 3.80 9.74
N ILE B 276 4.25 2.56 10.20
CA ILE B 276 3.23 1.89 11.00
C ILE B 276 3.76 1.78 12.43
N PHE B 277 3.05 2.43 13.36
CA PHE B 277 3.39 2.41 14.77
C PHE B 277 2.21 1.90 15.58
N THR B 278 2.48 1.12 16.61
CA THR B 278 1.45 0.79 17.57
C THR B 278 1.30 1.95 18.56
N ARG B 279 0.28 1.84 19.43
CA ARG B 279 0.07 2.89 20.42
C ARG B 279 1.26 3.02 21.36
N GLU B 280 1.85 1.88 21.75
CA GLU B 280 3.00 1.93 22.65
C GLU B 280 4.25 2.45 21.94
N GLU B 281 4.37 2.20 20.63
CA GLU B 281 5.49 2.75 19.88
C GLU B 281 5.38 4.26 19.73
N MET B 282 4.15 4.76 19.53
CA MET B 282 3.95 6.21 19.48
C MET B 282 4.24 6.88 20.81
N ILE B 283 4.15 6.14 21.92
CA ILE B 283 4.49 6.70 23.21
C ILE B 283 6.01 6.80 23.36
N LYS B 284 6.75 5.84 22.83
CA LYS B 284 8.19 5.80 23.01
C LYS B 284 8.91 6.72 22.01
N TYR B 285 8.79 6.43 20.72
CA TYR B 285 9.58 7.12 19.71
C TYR B 285 9.17 8.57 19.50
N PHE B 286 8.11 9.05 20.15
CA PHE B 286 7.65 10.41 19.92
C PHE B 286 8.65 11.42 20.45
N THR B 287 9.03 12.38 19.62
CA THR B 287 9.89 13.48 20.00
C THR B 287 9.23 14.78 19.56
N LEU B 288 9.08 15.72 20.50
CA LEU B 288 8.38 16.96 20.18
C LEU B 288 9.15 17.80 19.16
N ASN B 289 10.48 17.75 19.18
CA ASN B 289 11.27 18.50 18.22
C ASN B 289 11.15 17.95 16.81
N ALA B 290 10.84 16.66 16.66
CA ALA B 290 10.70 16.05 15.34
C ALA B 290 9.47 16.56 14.60
N VAL B 291 8.54 17.20 15.27
CA VAL B 291 7.37 17.77 14.60
C VAL B 291 7.83 18.93 13.72
N SER B 292 7.54 18.84 12.42
CA SER B 292 8.02 19.83 11.48
C SER B 292 7.20 21.11 11.56
N LYS B 293 7.87 22.24 11.33
CA LYS B 293 7.18 23.53 11.32
C LYS B 293 6.34 23.71 10.06
N SER B 294 6.71 23.04 8.97
CA SER B 294 5.95 23.16 7.74
C SER B 294 4.62 22.42 7.83
N ALA B 295 3.65 22.89 7.06
CA ALA B 295 2.33 22.27 7.02
C ALA B 295 2.32 21.11 6.04
N SER B 296 1.62 20.03 6.41
CA SER B 296 1.52 18.83 5.61
C SER B 296 0.11 18.69 5.04
N ALA B 297 0.02 18.28 3.78
CA ALA B 297 -1.26 18.08 3.14
C ALA B 297 -1.85 16.72 3.53
N PHE B 298 -3.17 16.61 3.41
CA PHE B 298 -3.88 15.39 3.76
C PHE B 298 -3.99 14.50 2.54
N ASN B 299 -3.42 13.29 2.64
CA ASN B 299 -3.42 12.31 1.55
C ASN B 299 -4.40 11.20 1.94
N THR B 300 -5.62 11.29 1.41
CA THR B 300 -6.63 10.27 1.69
C THR B 300 -6.26 8.91 1.11
N ASP B 301 -5.37 8.88 0.11
CA ASP B 301 -4.97 7.61 -0.48
C ASP B 301 -4.13 6.79 0.48
N LYS B 302 -3.19 7.44 1.19
CA LYS B 302 -2.36 6.72 2.15
C LYS B 302 -3.16 6.27 3.36
N LEU B 303 -4.09 7.12 3.83
CA LEU B 303 -4.92 6.74 4.97
C LEU B 303 -5.74 5.50 4.67
N LEU B 304 -6.20 5.37 3.41
CA LEU B 304 -6.91 4.15 3.02
C LEU B 304 -6.00 2.94 3.08
N TRP B 305 -4.74 3.09 2.67
CA TRP B 305 -3.78 2.00 2.78
C TRP B 305 -3.44 1.71 4.23
N LEU B 306 -3.44 2.73 5.10
CA LEU B 306 -3.22 2.50 6.51
C LEU B 306 -4.29 1.59 7.10
N ASN B 307 -5.55 1.82 6.72
CA ASN B 307 -6.64 1.03 7.28
C ASN B 307 -6.62 -0.39 6.77
N HIS B 308 -6.19 -0.60 5.52
CA HIS B 308 -6.14 -1.95 4.97
C HIS B 308 -5.14 -2.82 5.73
N HIS B 309 -4.02 -2.24 6.13
CA HIS B 309 -3.03 -3.00 6.90
C HIS B 309 -3.55 -3.36 8.27
N TYR B 310 -4.16 -2.40 8.98
CA TYR B 310 -4.63 -2.65 10.34
C TYR B 310 -5.80 -3.61 10.39
N ILE B 311 -6.53 -3.79 9.28
CA ILE B 311 -7.60 -4.78 9.28
C ILE B 311 -7.04 -6.19 9.38
N ASN B 312 -5.93 -6.46 8.69
CA ASN B 312 -5.32 -7.78 8.72
C ASN B 312 -4.20 -7.93 9.74
N ALA B 313 -3.72 -6.82 10.31
CA ALA B 313 -2.67 -6.89 11.32
C ALA B 313 -3.22 -6.97 12.74
N LEU B 314 -4.29 -6.23 13.02
CA LEU B 314 -4.91 -6.29 14.34
C LEU B 314 -5.59 -7.64 14.54
N PRO B 315 -5.81 -8.04 15.80
CA PRO B 315 -6.51 -9.30 16.06
C PRO B 315 -7.89 -9.31 15.41
N PRO B 316 -8.27 -10.42 14.77
CA PRO B 316 -9.58 -10.47 14.11
C PRO B 316 -10.75 -10.28 15.06
N GLU B 317 -10.57 -10.59 16.35
CA GLU B 317 -11.66 -10.38 17.30
C GLU B 317 -11.87 -8.90 17.60
N TYR B 318 -10.79 -8.11 17.59
CA TYR B 318 -10.93 -6.67 17.81
C TYR B 318 -11.53 -5.99 16.60
N VAL B 319 -11.13 -6.40 15.39
CA VAL B 319 -11.71 -5.84 14.18
C VAL B 319 -13.18 -6.20 14.07
N ALA B 320 -13.57 -7.35 14.62
CA ALA B 320 -14.98 -7.75 14.59
C ALA B 320 -15.84 -6.84 15.45
N THR B 321 -15.26 -6.24 16.50
CA THR B 321 -16.03 -5.35 17.35
C THR B 321 -16.34 -4.03 16.64
N HIS B 322 -15.43 -3.57 15.78
CA HIS B 322 -15.68 -2.37 14.99
C HIS B 322 -16.46 -2.67 13.71
N LEU B 323 -16.31 -3.88 13.17
CA LEU B 323 -17.09 -4.27 11.99
C LEU B 323 -18.58 -4.37 12.31
N GLN B 324 -18.91 -4.64 13.58
CA GLN B 324 -20.31 -4.79 13.97
C GLN B 324 -21.11 -3.51 13.73
N TRP B 325 -20.46 -2.35 13.85
CA TRP B 325 -21.16 -1.09 13.67
C TRP B 325 -21.61 -0.91 12.21
N HIS B 326 -20.81 -1.35 11.26
CA HIS B 326 -21.15 -1.19 9.85
C HIS B 326 -22.07 -2.29 9.35
N ILE B 327 -22.09 -3.46 10.01
CA ILE B 327 -23.07 -4.48 9.68
C ILE B 327 -24.48 -3.96 10.00
N ALA B 328 -24.63 -3.23 11.11
CA ALA B 328 -25.92 -2.64 11.43
C ALA B 328 -26.30 -1.54 10.43
N GLN B 329 -25.30 -0.86 9.87
CA GLN B 329 -25.58 0.11 8.82
C GLN B 329 -26.16 -0.55 7.58
N GLU B 330 -25.62 -1.72 7.21
CA GLU B 330 -26.14 -2.47 6.07
C GLU B 330 -27.38 -3.27 6.40
N ASN B 331 -27.73 -3.39 7.69
CA ASN B 331 -28.92 -4.11 8.14
C ASN B 331 -28.90 -5.56 7.65
N ILE B 332 -27.91 -6.29 8.17
CA ILE B 332 -27.67 -7.68 7.80
C ILE B 332 -27.97 -8.57 9.00
N ASP B 333 -28.77 -9.61 8.77
CA ASP B 333 -29.15 -10.55 9.82
C ASP B 333 -28.00 -11.55 10.00
N THR B 334 -27.16 -11.30 11.01
CA THR B 334 -25.97 -12.12 11.24
C THR B 334 -26.23 -13.28 12.20
N ARG B 335 -27.39 -13.92 12.11
CA ARG B 335 -27.71 -15.04 12.99
C ARG B 335 -27.29 -16.38 12.40
N ASN B 336 -27.30 -16.52 11.08
CA ASN B 336 -27.10 -17.82 10.44
C ASN B 336 -25.70 -17.99 9.85
N GLY B 337 -25.02 -16.90 9.50
CA GLY B 337 -23.75 -16.99 8.82
C GLY B 337 -22.57 -17.25 9.74
N PRO B 338 -21.37 -16.92 9.27
CA PRO B 338 -20.16 -17.20 10.05
C PRO B 338 -19.94 -16.14 11.11
N GLN B 339 -18.95 -16.41 11.96
CA GLN B 339 -18.60 -15.49 13.05
C GLN B 339 -18.03 -14.19 12.49
N LEU B 340 -18.19 -13.12 13.25
CA LEU B 340 -17.68 -11.82 12.82
C LEU B 340 -16.16 -11.81 12.77
N ALA B 341 -15.50 -12.38 13.80
CA ALA B 341 -14.05 -12.46 13.77
C ALA B 341 -13.56 -13.37 12.65
N ASP B 342 -14.33 -14.41 12.32
CA ASP B 342 -13.98 -15.24 11.17
C ASP B 342 -14.26 -14.52 9.86
N LEU B 343 -15.28 -13.66 9.83
CA LEU B 343 -15.59 -12.91 8.61
C LEU B 343 -14.44 -11.96 8.25
N VAL B 344 -13.76 -11.40 9.25
CA VAL B 344 -12.61 -10.54 8.98
C VAL B 344 -11.49 -11.35 8.34
N LYS B 345 -11.37 -12.62 8.67
CA LYS B 345 -10.35 -13.46 8.06
C LYS B 345 -10.66 -13.71 6.59
N LEU B 346 -11.94 -13.77 6.22
CA LEU B 346 -12.31 -14.04 4.84
C LEU B 346 -12.18 -12.80 3.97
N LEU B 347 -12.85 -11.72 4.34
CA LEU B 347 -12.85 -10.48 3.57
C LEU B 347 -11.69 -9.56 3.94
N GLY B 348 -10.64 -10.10 4.57
CA GLY B 348 -9.54 -9.28 5.02
C GLY B 348 -8.74 -8.61 3.92
N GLU B 349 -8.05 -9.42 3.12
CA GLU B 349 -7.16 -8.89 2.08
C GLU B 349 -7.93 -8.35 0.87
N ARG B 350 -9.26 -8.42 0.85
CA ARG B 350 -10.02 -7.99 -0.31
C ARG B 350 -10.41 -6.52 -0.25
N CYS B 351 -10.98 -6.09 0.87
CA CYS B 351 -11.45 -4.72 1.02
C CYS B 351 -10.54 -3.94 1.97
N LYS B 352 -10.54 -2.62 1.79
CA LYS B 352 -9.64 -1.72 2.52
C LYS B 352 -10.36 -0.83 3.52
N THR B 353 -11.64 -1.10 3.79
CA THR B 353 -12.37 -0.34 4.79
C THR B 353 -13.53 -1.19 5.29
N LEU B 354 -13.94 -0.93 6.53
CA LEU B 354 -14.95 -1.76 7.18
C LEU B 354 -16.32 -1.62 6.53
N LYS B 355 -16.61 -0.46 5.94
CA LYS B 355 -17.84 -0.31 5.17
C LYS B 355 -17.82 -1.21 3.94
N GLU B 356 -16.66 -1.29 3.27
CA GLU B 356 -16.53 -2.18 2.12
C GLU B 356 -16.60 -3.65 2.54
N MET B 357 -16.41 -3.96 3.82
CA MET B 357 -16.56 -5.32 4.32
C MET B 357 -17.99 -5.63 4.71
N ALA B 358 -18.68 -4.68 5.34
CA ALA B 358 -20.10 -4.86 5.61
C ALA B 358 -20.88 -5.05 4.32
N GLN B 359 -20.52 -4.32 3.28
CA GLN B 359 -21.02 -4.58 1.95
C GLN B 359 -20.25 -5.76 1.33
N SER B 360 -20.88 -6.40 0.35
CA SER B 360 -20.32 -7.58 -0.31
C SER B 360 -20.08 -8.71 0.70
N CYS B 361 -21.02 -8.89 1.62
CA CYS B 361 -20.95 -10.00 2.56
C CYS B 361 -22.33 -10.50 2.98
N ARG B 362 -23.41 -9.97 2.42
CA ARG B 362 -24.76 -10.37 2.85
C ARG B 362 -25.05 -11.82 2.49
N TYR B 363 -24.47 -12.33 1.40
CA TYR B 363 -24.72 -13.71 0.99
C TYR B 363 -24.16 -14.73 1.98
N PHE B 364 -23.29 -14.32 2.91
CA PHE B 364 -22.86 -15.22 3.97
C PHE B 364 -23.95 -15.42 5.01
N TYR B 365 -24.84 -14.44 5.16
CA TYR B 365 -25.83 -14.44 6.23
C TYR B 365 -27.26 -14.54 5.74
N GLU B 366 -27.60 -13.87 4.63
CA GLU B 366 -28.95 -13.86 4.11
C GLU B 366 -28.99 -14.45 2.71
N ASP B 367 -30.09 -15.14 2.40
CA ASP B 367 -30.28 -15.67 1.06
C ASP B 367 -30.63 -14.56 0.09
N PHE B 368 -30.28 -14.76 -1.17
CA PHE B 368 -30.54 -13.80 -2.23
C PHE B 368 -31.72 -14.26 -3.08
N ALA B 369 -32.57 -13.31 -3.46
CA ALA B 369 -33.76 -13.64 -4.25
C ALA B 369 -33.38 -14.07 -5.66
N GLU B 370 -32.60 -13.25 -6.36
CA GLU B 370 -32.20 -13.52 -7.73
C GLU B 370 -30.70 -13.36 -7.86
N PHE B 371 -30.16 -13.85 -8.98
CA PHE B 371 -28.74 -13.79 -9.25
C PHE B 371 -28.38 -12.45 -9.90
N ASP B 372 -27.08 -12.26 -10.14
CA ASP B 372 -26.61 -11.06 -10.83
C ASP B 372 -26.87 -11.10 -12.33
N ALA B 373 -27.38 -12.23 -12.85
CA ALA B 373 -27.73 -12.40 -14.26
C ALA B 373 -26.51 -12.30 -15.16
N ASP B 374 -25.75 -11.20 -15.05
CA ASP B 374 -24.54 -11.03 -15.85
C ASP B 374 -23.55 -12.15 -15.58
N ALA B 375 -23.23 -12.38 -14.31
CA ALA B 375 -22.36 -13.49 -13.96
C ALA B 375 -23.04 -14.83 -14.16
N ALA B 376 -24.37 -14.86 -14.10
CA ALA B 376 -25.09 -16.11 -14.33
C ALA B 376 -25.10 -16.46 -15.82
N LYS B 377 -25.25 -15.46 -16.69
CA LYS B 377 -25.26 -15.72 -18.12
C LYS B 377 -23.96 -16.35 -18.62
N LYS B 378 -22.86 -16.16 -17.89
CA LYS B 378 -21.58 -16.73 -18.29
C LYS B 378 -21.25 -18.04 -17.58
N HIS B 379 -21.94 -18.36 -16.48
CA HIS B 379 -21.61 -19.56 -15.71
C HIS B 379 -22.80 -20.44 -15.38
N LEU B 380 -24.04 -20.00 -15.62
CA LEU B 380 -25.22 -20.81 -15.38
C LEU B 380 -25.74 -21.46 -16.66
N ARG B 381 -24.87 -21.65 -17.64
CA ARG B 381 -25.26 -22.31 -18.88
C ARG B 381 -25.53 -23.79 -18.63
N PRO B 382 -26.31 -24.44 -19.49
CA PRO B 382 -26.63 -25.86 -19.28
C PRO B 382 -25.42 -26.78 -19.20
N VAL B 383 -24.25 -26.33 -19.65
CA VAL B 383 -23.05 -27.15 -19.56
C VAL B 383 -22.62 -27.36 -18.11
N ALA B 384 -23.00 -26.46 -17.21
CA ALA B 384 -22.62 -26.53 -15.81
C ALA B 384 -23.67 -27.18 -14.93
N ARG B 385 -24.75 -27.70 -15.50
CA ARG B 385 -25.79 -28.34 -14.69
C ARG B 385 -25.35 -29.70 -14.15
N GLN B 386 -24.30 -30.29 -14.72
CA GLN B 386 -23.83 -31.60 -14.28
C GLN B 386 -22.68 -31.45 -13.28
N PRO B 387 -21.73 -30.51 -13.48
CA PRO B 387 -20.77 -30.22 -12.39
C PRO B 387 -21.44 -29.86 -11.08
N LEU B 388 -22.62 -29.23 -11.12
CA LEU B 388 -23.31 -28.84 -9.90
C LEU B 388 -24.04 -30.00 -9.23
N GLU B 389 -24.36 -31.05 -9.99
CA GLU B 389 -25.05 -32.20 -9.41
C GLU B 389 -24.12 -33.17 -8.70
N VAL B 390 -22.81 -33.04 -8.89
CA VAL B 390 -21.85 -33.96 -8.29
C VAL B 390 -21.17 -33.29 -7.11
N VAL B 391 -21.03 -31.97 -7.15
CA VAL B 391 -20.42 -31.26 -6.02
C VAL B 391 -21.32 -31.36 -4.79
N ARG B 392 -22.63 -31.17 -4.97
CA ARG B 392 -23.54 -31.23 -3.83
C ARG B 392 -23.64 -32.64 -3.26
N ASP B 393 -23.51 -33.66 -4.10
CA ASP B 393 -23.49 -35.03 -3.61
C ASP B 393 -22.17 -35.35 -2.92
N LYS B 394 -21.10 -34.66 -3.29
CA LYS B 394 -19.80 -34.84 -2.64
C LYS B 394 -19.60 -33.89 -1.47
N LEU B 395 -20.25 -32.73 -1.49
CA LEU B 395 -20.15 -31.81 -0.36
C LEU B 395 -20.82 -32.37 0.89
N ALA B 396 -21.82 -33.23 0.71
CA ALA B 396 -22.52 -33.85 1.83
C ALA B 396 -21.92 -35.19 2.24
N ALA B 397 -21.05 -35.77 1.42
CA ALA B 397 -20.43 -37.04 1.77
C ALA B 397 -19.52 -36.92 2.99
N ILE B 398 -18.95 -35.74 3.20
CA ILE B 398 -18.03 -35.52 4.31
C ILE B 398 -18.84 -35.23 5.57
N THR B 399 -18.52 -35.95 6.65
CA THR B 399 -19.14 -35.65 7.94
C THR B 399 -18.44 -34.50 8.64
N ASP B 400 -17.11 -34.44 8.55
CA ASP B 400 -16.34 -33.34 9.11
C ASP B 400 -16.38 -32.18 8.13
N TRP B 401 -17.07 -31.10 8.51
CA TRP B 401 -17.27 -29.96 7.63
C TRP B 401 -16.15 -28.95 7.87
N THR B 402 -15.10 -29.04 7.05
CA THR B 402 -13.98 -28.11 7.10
C THR B 402 -13.69 -27.60 5.69
N ALA B 403 -12.92 -26.53 5.62
CA ALA B 403 -12.56 -25.96 4.33
C ALA B 403 -11.66 -26.90 3.54
N GLU B 404 -10.86 -27.72 4.22
CA GLU B 404 -9.99 -28.67 3.52
C GLU B 404 -10.82 -29.79 2.90
N ASN B 405 -11.75 -30.36 3.67
CA ASN B 405 -12.65 -31.37 3.12
C ASN B 405 -13.55 -30.81 2.03
N VAL B 406 -13.80 -29.50 2.05
CA VAL B 406 -14.53 -28.86 0.96
C VAL B 406 -13.68 -28.84 -0.31
N HIS B 407 -12.40 -28.51 -0.18
CA HIS B 407 -11.52 -28.46 -1.35
C HIS B 407 -11.35 -29.84 -1.96
N HIS B 408 -11.23 -30.88 -1.14
CA HIS B 408 -11.13 -32.23 -1.68
C HIS B 408 -12.43 -32.66 -2.35
N ALA B 409 -13.56 -32.09 -1.94
CA ALA B 409 -14.83 -32.39 -2.61
C ALA B 409 -14.88 -31.75 -3.99
N ILE B 410 -14.49 -30.47 -4.08
CA ILE B 410 -14.40 -29.81 -5.37
C ILE B 410 -13.24 -30.37 -6.19
N GLN B 411 -12.29 -31.04 -5.55
CA GLN B 411 -11.20 -31.67 -6.28
C GLN B 411 -11.62 -33.01 -6.88
N ALA B 412 -12.49 -33.76 -6.20
CA ALA B 412 -13.05 -34.95 -6.81
C ALA B 412 -13.88 -34.59 -8.04
N THR B 413 -14.60 -33.47 -7.97
CA THR B 413 -15.21 -32.91 -9.15
C THR B 413 -14.13 -32.29 -10.04
N ALA B 414 -14.44 -32.17 -11.34
CA ALA B 414 -13.53 -31.69 -12.36
C ALA B 414 -12.44 -32.72 -12.64
N ASP B 415 -12.40 -33.80 -11.86
CA ASP B 415 -11.56 -34.95 -12.14
C ASP B 415 -12.36 -36.15 -12.61
N GLU B 416 -13.45 -36.49 -11.90
CA GLU B 416 -14.36 -37.52 -12.39
C GLU B 416 -15.00 -37.08 -13.69
N LEU B 417 -15.62 -35.91 -13.69
CA LEU B 417 -16.10 -35.27 -14.92
C LEU B 417 -14.97 -34.38 -15.42
N GLU B 418 -14.21 -34.87 -16.39
CA GLU B 418 -13.00 -34.18 -16.84
C GLU B 418 -13.31 -32.81 -17.42
N VAL B 419 -12.90 -31.77 -16.69
CA VAL B 419 -13.13 -30.39 -17.11
C VAL B 419 -12.22 -29.50 -16.27
N GLY B 420 -11.94 -28.30 -16.78
CA GLY B 420 -11.13 -27.37 -16.01
C GLY B 420 -11.79 -27.02 -14.67
N MET B 421 -10.94 -26.80 -13.66
CA MET B 421 -11.45 -26.55 -12.32
C MET B 421 -12.20 -25.22 -12.25
N GLY B 422 -11.87 -24.27 -13.13
CA GLY B 422 -12.62 -23.03 -13.18
C GLY B 422 -14.02 -23.18 -13.73
N LYS B 423 -14.30 -24.27 -14.43
CA LYS B 423 -15.63 -24.51 -15.00
C LYS B 423 -16.60 -25.09 -14.00
N VAL B 424 -16.15 -25.46 -12.80
CA VAL B 424 -17.02 -25.96 -11.75
C VAL B 424 -17.03 -25.01 -10.55
N GLY B 425 -15.87 -24.49 -10.18
CA GLY B 425 -15.82 -23.57 -9.06
C GLY B 425 -16.50 -22.24 -9.33
N MET B 426 -16.45 -21.78 -10.58
CA MET B 426 -17.10 -20.51 -10.90
C MET B 426 -18.62 -20.63 -10.92
N PRO B 427 -19.22 -21.64 -11.57
CA PRO B 427 -20.67 -21.82 -11.41
C PRO B 427 -21.07 -22.08 -9.97
N LEU B 428 -20.22 -22.78 -9.21
CA LEU B 428 -20.46 -22.93 -7.78
C LEU B 428 -20.37 -21.58 -7.08
N ARG B 429 -19.46 -20.71 -7.54
CA ARG B 429 -19.34 -19.39 -6.94
C ARG B 429 -20.57 -18.53 -7.25
N VAL B 430 -21.08 -18.61 -8.48
CA VAL B 430 -22.25 -17.81 -8.84
C VAL B 430 -23.50 -18.36 -8.16
N ALA B 431 -23.58 -19.67 -7.95
CA ALA B 431 -24.75 -20.26 -7.32
C ALA B 431 -24.79 -20.00 -5.81
N VAL B 432 -23.63 -19.96 -5.16
CA VAL B 432 -23.60 -19.79 -3.71
C VAL B 432 -23.57 -18.32 -3.32
N THR B 433 -22.86 -17.48 -4.06
CA THR B 433 -22.73 -16.06 -3.74
C THR B 433 -23.70 -15.17 -4.50
N GLY B 434 -24.14 -15.60 -5.69
CA GLY B 434 -25.02 -14.80 -6.51
C GLY B 434 -24.33 -13.91 -7.52
N ALA B 435 -23.00 -13.81 -7.47
CA ALA B 435 -22.24 -12.96 -8.39
C ALA B 435 -20.95 -13.68 -8.74
N GLY B 436 -20.03 -12.96 -9.38
CA GLY B 436 -18.79 -13.54 -9.82
C GLY B 436 -17.57 -13.02 -9.09
N GLN B 437 -17.72 -12.69 -7.81
CA GLN B 437 -16.60 -12.25 -7.00
C GLN B 437 -16.81 -12.71 -5.56
N SER B 438 -15.78 -13.31 -4.98
CA SER B 438 -15.83 -13.87 -3.64
C SER B 438 -14.42 -14.30 -3.22
N PRO B 439 -14.20 -14.61 -1.94
CA PRO B 439 -12.92 -15.21 -1.55
C PRO B 439 -12.73 -16.61 -2.13
N ALA B 440 -11.81 -17.38 -1.55
CA ALA B 440 -11.57 -18.72 -2.04
C ALA B 440 -12.81 -19.60 -1.86
N LEU B 441 -13.08 -20.44 -2.87
CA LEU B 441 -14.24 -21.33 -2.79
C LEU B 441 -14.14 -22.30 -1.63
N ASP B 442 -12.91 -22.59 -1.15
CA ASP B 442 -12.76 -23.51 -0.03
C ASP B 442 -13.39 -22.93 1.23
N VAL B 443 -13.23 -21.63 1.46
CA VAL B 443 -13.76 -20.98 2.65
C VAL B 443 -15.09 -20.29 2.40
N THR B 444 -15.44 -20.02 1.14
CA THR B 444 -16.70 -19.32 0.85
C THR B 444 -17.90 -20.21 1.12
N VAL B 445 -17.92 -21.40 0.50
CA VAL B 445 -19.05 -22.31 0.71
C VAL B 445 -18.96 -23.00 2.07
N HIS B 446 -17.79 -22.97 2.72
CA HIS B 446 -17.67 -23.55 4.05
C HIS B 446 -18.28 -22.63 5.11
N ALA B 447 -17.98 -21.34 5.03
CA ALA B 447 -18.50 -20.40 6.02
C ALA B 447 -20.00 -20.21 5.89
N ILE B 448 -20.55 -20.39 4.69
CA ILE B 448 -21.99 -20.22 4.50
C ILE B 448 -22.75 -21.42 5.07
N GLY B 449 -22.25 -22.63 4.85
CA GLY B 449 -22.88 -23.80 5.43
C GLY B 449 -23.28 -24.85 4.41
N LYS B 450 -23.39 -26.10 4.86
CA LYS B 450 -23.77 -27.18 3.94
C LYS B 450 -25.26 -27.13 3.62
N THR B 451 -26.09 -26.72 4.58
CA THR B 451 -27.52 -26.65 4.35
C THR B 451 -27.87 -25.55 3.35
N ARG B 452 -27.35 -24.34 3.58
CA ARG B 452 -27.62 -23.24 2.67
C ARG B 452 -26.88 -23.36 1.35
N SER B 453 -25.91 -24.27 1.24
CA SER B 453 -25.29 -24.53 -0.05
C SER B 453 -26.26 -25.25 -0.97
N ILE B 454 -26.70 -26.45 -0.57
CA ILE B 454 -27.63 -27.24 -1.38
C ILE B 454 -28.86 -26.42 -1.74
N GLU B 455 -29.34 -25.61 -0.79
CA GLU B 455 -30.49 -24.76 -1.06
C GLU B 455 -30.20 -23.72 -2.13
N ARG B 456 -28.93 -23.38 -2.35
CA ARG B 456 -28.55 -22.45 -3.40
C ARG B 456 -27.98 -23.13 -4.64
N ILE B 457 -27.42 -24.35 -4.51
CA ILE B 457 -27.08 -25.13 -5.69
C ILE B 457 -28.36 -25.60 -6.39
N ASN B 458 -29.31 -26.14 -5.63
CA ASN B 458 -30.58 -26.54 -6.23
C ASN B 458 -31.39 -25.34 -6.70
N LYS B 459 -31.21 -24.19 -6.06
CA LYS B 459 -31.84 -22.96 -6.55
C LYS B 459 -31.29 -22.60 -7.94
N ALA B 460 -30.01 -22.86 -8.17
CA ALA B 460 -29.44 -22.66 -9.50
C ALA B 460 -29.89 -23.74 -10.46
N LEU B 461 -29.92 -25.00 -10.00
CA LEU B 461 -30.38 -26.09 -10.84
C LEU B 461 -31.83 -25.89 -11.26
N ASP B 462 -32.66 -25.37 -10.35
CA ASP B 462 -34.04 -25.05 -10.70
C ASP B 462 -34.13 -23.86 -11.64
N PHE B 463 -33.08 -23.04 -11.73
CA PHE B 463 -33.04 -21.90 -12.63
C PHE B 463 -32.36 -22.21 -13.97
N ILE B 464 -31.24 -22.95 -13.94
CA ILE B 464 -30.57 -23.31 -15.17
C ILE B 464 -31.35 -24.31 -16.01
N ALA B 465 -32.42 -24.88 -15.45
CA ALA B 465 -33.31 -25.77 -16.20
C ALA B 465 -34.30 -25.00 -17.07
N GLU B 466 -34.05 -23.72 -17.32
CA GLU B 466 -34.92 -22.89 -18.15
C GLU B 466 -34.31 -22.72 -19.54
N ARG B 467 -34.06 -23.85 -20.20
CA ARG B 467 -33.56 -23.87 -21.56
C ARG B 467 -34.68 -23.90 -22.59
N GLU B 468 -35.94 -23.85 -22.16
CA GLU B 468 -37.07 -23.89 -23.07
C GLU B 468 -37.22 -22.57 -23.82
N GLU C . 12.11 -26.63 -20.46
CA GLU C . 11.13 -27.04 -19.47
C GLU C . 10.16 -25.90 -19.14
O GLU C . 9.10 -26.11 -18.57
CB GLU C . 11.83 -27.52 -18.20
CG GLU C . 12.69 -28.76 -18.41
CD GLU C . 13.31 -29.26 -17.12
OE1 GLU C . 13.61 -30.46 -17.03
OE2 GLU C . 13.50 -28.44 -16.19
OXT GLU C . 10.43 -24.74 -19.44
ZN ZN D . 9.35 -52.62 -31.65
N GLU E . -9.88 26.03 22.36
CA GLU E . -8.83 26.32 21.40
C GLU E . -9.08 25.61 20.06
O GLU E . -9.96 24.76 19.97
CB GLU E . -7.46 25.92 21.95
CG GLU E . -7.07 26.67 23.21
CD GLU E . -5.68 26.30 23.69
OE1 GLU E . -5.22 25.18 23.40
OE2 GLU E . -5.04 27.15 24.36
OXT GLU E . -8.42 25.88 19.07
ZN ZN F . -10.21 53.66 30.10
#